data_1R02
# 
_entry.id   1R02 
# 
_audit_conform.dict_name       mmcif_pdbx.dic 
_audit_conform.dict_version    5.397 
_audit_conform.dict_location   http://mmcif.pdb.org/dictionaries/ascii/mmcif_pdbx.dic 
# 
loop_
_database_2.database_id 
_database_2.database_code 
_database_2.pdbx_database_accession 
_database_2.pdbx_DOI 
PDB   1R02         pdb_00001r02 10.2210/pdb1r02/pdb 
RCSB  RCSB020279   ?            ?                   
WWPDB D_1000020279 ?            ?                   
# 
loop_
_pdbx_audit_revision_history.ordinal 
_pdbx_audit_revision_history.data_content_type 
_pdbx_audit_revision_history.major_revision 
_pdbx_audit_revision_history.minor_revision 
_pdbx_audit_revision_history.revision_date 
1 'Structure model' 1 0 2004-09-19 
2 'Structure model' 1 1 2008-04-29 
3 'Structure model' 1 2 2011-07-13 
4 'Structure model' 1 3 2019-10-09 
5 'Structure model' 1 4 2024-10-23 
# 
_pdbx_audit_revision_details.ordinal             1 
_pdbx_audit_revision_details.revision_ordinal    1 
_pdbx_audit_revision_details.data_content_type   'Structure model' 
_pdbx_audit_revision_details.provider            repository 
_pdbx_audit_revision_details.type                'Initial release' 
_pdbx_audit_revision_details.description         ? 
_pdbx_audit_revision_details.details             ? 
# 
loop_
_pdbx_audit_revision_group.ordinal 
_pdbx_audit_revision_group.revision_ordinal 
_pdbx_audit_revision_group.data_content_type 
_pdbx_audit_revision_group.group 
1 2 'Structure model' 'Version format compliance' 
2 3 'Structure model' 'Version format compliance' 
3 4 'Structure model' 'Data collection'           
4 4 'Structure model' 'Database references'       
5 4 'Structure model' 'Derived calculations'      
6 4 'Structure model' 'Source and taxonomy'       
7 5 'Structure model' 'Data collection'           
8 5 'Structure model' 'Database references'       
9 5 'Structure model' 'Structure summary'         
# 
loop_
_pdbx_audit_revision_category.ordinal 
_pdbx_audit_revision_category.revision_ordinal 
_pdbx_audit_revision_category.data_content_type 
_pdbx_audit_revision_category.category 
1  4 'Structure model' citation                  
2  4 'Structure model' pdbx_entity_src_syn       
3  4 'Structure model' pdbx_nmr_software         
4  4 'Structure model' pdbx_struct_assembly      
5  4 'Structure model' pdbx_struct_assembly_prop 
6  4 'Structure model' pdbx_struct_oper_list     
7  5 'Structure model' chem_comp_atom            
8  5 'Structure model' chem_comp_bond            
9  5 'Structure model' database_2                
10 5 'Structure model' pdbx_entry_details        
11 5 'Structure model' pdbx_modification_feature 
# 
loop_
_pdbx_audit_revision_item.ordinal 
_pdbx_audit_revision_item.revision_ordinal 
_pdbx_audit_revision_item.data_content_type 
_pdbx_audit_revision_item.item 
1 4 'Structure model' '_citation.pdbx_database_id_DOI'            
2 4 'Structure model' '_pdbx_entity_src_syn.details'              
3 4 'Structure model' '_pdbx_entity_src_syn.ncbi_taxonomy_id'     
4 4 'Structure model' '_pdbx_entity_src_syn.organism_common_name' 
5 4 'Structure model' '_pdbx_entity_src_syn.organism_scientific'  
6 4 'Structure model' '_pdbx_nmr_software.name'                   
7 5 'Structure model' '_database_2.pdbx_DOI'                      
8 5 'Structure model' '_database_2.pdbx_database_accession'       
# 
_pdbx_database_status.status_code                     REL 
_pdbx_database_status.entry_id                        1R02 
_pdbx_database_status.recvd_initial_deposition_date   2003-09-19 
_pdbx_database_status.deposit_site                    RCSB 
_pdbx_database_status.process_site                    PDBJ 
_pdbx_database_status.status_code_mr                  REL 
_pdbx_database_status.SG_entry                        . 
_pdbx_database_status.pdb_format_compatible           Y 
_pdbx_database_status.status_code_sf                  ? 
_pdbx_database_status.status_code_cs                  ? 
_pdbx_database_status.methods_development_category    ? 
_pdbx_database_status.status_code_nmr_data            ? 
# 
_pdbx_database_related.db_name        PDB 
_pdbx_database_related.db_id          1CQ0 
_pdbx_database_related.details        'Solution Structure Of A Human Hypocretin-2/OREXIN-B' 
_pdbx_database_related.content_type   unspecified 
# 
loop_
_audit_author.name 
_audit_author.pdbx_ordinal 
'Kim, H.-Y.' 1 
'Hong, E.'   2 
'Kim, J.-I.' 3 
'Lee, W.'    4 
# 
_citation.id                        primary 
_citation.title                     'Solution structure of human orexin-A: regulator of appetite and wakefulness.' 
_citation.journal_abbrev            J.Biochem.Mol.Biol. 
_citation.journal_volume            37 
_citation.page_first                565 
_citation.page_last                 573 
_citation.year                      2004 
_citation.journal_id_ASTM           ? 
_citation.country                   KR 
_citation.journal_id_ISSN           1225-8687 
_citation.journal_id_CSD            ? 
_citation.book_publisher            ? 
_citation.pdbx_database_id_PubMed   15479620 
_citation.pdbx_database_id_DOI      10.5483/BMBRep.2004.37.5.565 
# 
loop_
_citation_author.citation_id 
_citation_author.name 
_citation_author.ordinal 
_citation_author.identifier_ORCID 
primary 'Kim, H.Y.' 1 ? 
primary 'Hong, E.'  2 ? 
primary 'Kim, J.I.' 3 ? 
primary 'Lee, W.'   4 ? 
# 
_entity.id                         1 
_entity.type                       polymer 
_entity.src_method                 syn 
_entity.pdbx_description           Orexin-A 
_entity.formula_weight             3588.192 
_entity.pdbx_number_of_molecules   1 
_entity.pdbx_ec                    ? 
_entity.pdbx_mutation              ? 
_entity.pdbx_fragment              ? 
_entity.details                    ? 
# 
_entity_name_com.entity_id   1 
_entity_name_com.name        hypocretin-1 
# 
_entity_poly.entity_id                      1 
_entity_poly.type                           'polypeptide(L)' 
_entity_poly.nstd_linkage                   no 
_entity_poly.nstd_monomer                   no 
_entity_poly.pdbx_seq_one_letter_code       QPLPDCCRQKTCSCRLYELLHGAGNHAAGILTL 
_entity_poly.pdbx_seq_one_letter_code_can   QPLPDCCRQKTCSCRLYELLHGAGNHAAGILTL 
_entity_poly.pdbx_strand_id                 A 
_entity_poly.pdbx_target_identifier         ? 
# 
loop_
_entity_poly_seq.entity_id 
_entity_poly_seq.num 
_entity_poly_seq.mon_id 
_entity_poly_seq.hetero 
1 1  GLN n 
1 2  PRO n 
1 3  LEU n 
1 4  PRO n 
1 5  ASP n 
1 6  CYS n 
1 7  CYS n 
1 8  ARG n 
1 9  GLN n 
1 10 LYS n 
1 11 THR n 
1 12 CYS n 
1 13 SER n 
1 14 CYS n 
1 15 ARG n 
1 16 LEU n 
1 17 TYR n 
1 18 GLU n 
1 19 LEU n 
1 20 LEU n 
1 21 HIS n 
1 22 GLY n 
1 23 ALA n 
1 24 GLY n 
1 25 ASN n 
1 26 HIS n 
1 27 ALA n 
1 28 ALA n 
1 29 GLY n 
1 30 ILE n 
1 31 LEU n 
1 32 THR n 
1 33 LEU n 
# 
_pdbx_entity_src_syn.entity_id              1 
_pdbx_entity_src_syn.pdbx_src_id            1 
_pdbx_entity_src_syn.pdbx_alt_source_flag   sample 
_pdbx_entity_src_syn.pdbx_beg_seq_num       ? 
_pdbx_entity_src_syn.pdbx_end_seq_num       ? 
_pdbx_entity_src_syn.organism_scientific    'Homo sapiens' 
_pdbx_entity_src_syn.organism_common_name   human 
_pdbx_entity_src_syn.ncbi_taxonomy_id       9606 
_pdbx_entity_src_syn.details                ? 
# 
loop_
_chem_comp.id 
_chem_comp.type 
_chem_comp.mon_nstd_flag 
_chem_comp.name 
_chem_comp.pdbx_synonyms 
_chem_comp.formula 
_chem_comp.formula_weight 
ALA 'L-peptide linking' y ALANINE         ? 'C3 H7 N O2'     89.093  
ARG 'L-peptide linking' y ARGININE        ? 'C6 H15 N4 O2 1' 175.209 
ASN 'L-peptide linking' y ASPARAGINE      ? 'C4 H8 N2 O3'    132.118 
ASP 'L-peptide linking' y 'ASPARTIC ACID' ? 'C4 H7 N O4'     133.103 
CYS 'L-peptide linking' y CYSTEINE        ? 'C3 H7 N O2 S'   121.158 
GLN 'L-peptide linking' y GLUTAMINE       ? 'C5 H10 N2 O3'   146.144 
GLU 'L-peptide linking' y 'GLUTAMIC ACID' ? 'C5 H9 N O4'     147.129 
GLY 'peptide linking'   y GLYCINE         ? 'C2 H5 N O2'     75.067  
HIS 'L-peptide linking' y HISTIDINE       ? 'C6 H10 N3 O2 1' 156.162 
ILE 'L-peptide linking' y ISOLEUCINE      ? 'C6 H13 N O2'    131.173 
LEU 'L-peptide linking' y LEUCINE         ? 'C6 H13 N O2'    131.173 
LYS 'L-peptide linking' y LYSINE          ? 'C6 H15 N2 O2 1' 147.195 
PRO 'L-peptide linking' y PROLINE         ? 'C5 H9 N O2'     115.130 
SER 'L-peptide linking' y SERINE          ? 'C3 H7 N O3'     105.093 
THR 'L-peptide linking' y THREONINE       ? 'C4 H9 N O3'     119.119 
TYR 'L-peptide linking' y TYROSINE        ? 'C9 H11 N O3'    181.189 
# 
loop_
_pdbx_poly_seq_scheme.asym_id 
_pdbx_poly_seq_scheme.entity_id 
_pdbx_poly_seq_scheme.seq_id 
_pdbx_poly_seq_scheme.mon_id 
_pdbx_poly_seq_scheme.ndb_seq_num 
_pdbx_poly_seq_scheme.pdb_seq_num 
_pdbx_poly_seq_scheme.auth_seq_num 
_pdbx_poly_seq_scheme.pdb_mon_id 
_pdbx_poly_seq_scheme.auth_mon_id 
_pdbx_poly_seq_scheme.pdb_strand_id 
_pdbx_poly_seq_scheme.pdb_ins_code 
_pdbx_poly_seq_scheme.hetero 
A 1 1  GLN 1  1  1  GLN GLU A . n 
A 1 2  PRO 2  2  2  PRO PRO A . n 
A 1 3  LEU 3  3  3  LEU LEU A . n 
A 1 4  PRO 4  4  4  PRO PRO A . n 
A 1 5  ASP 5  5  5  ASP ASP A . n 
A 1 6  CYS 6  6  6  CYS CYS A . n 
A 1 7  CYS 7  7  7  CYS CYS A . n 
A 1 8  ARG 8  8  8  ARG ARG A . n 
A 1 9  GLN 9  9  9  GLN GLN A . n 
A 1 10 LYS 10 10 10 LYS LYS A . n 
A 1 11 THR 11 11 11 THR THR A . n 
A 1 12 CYS 12 12 12 CYS CYS A . n 
A 1 13 SER 13 13 13 SER SER A . n 
A 1 14 CYS 14 14 14 CYS CYS A . n 
A 1 15 ARG 15 15 15 ARG ARG A . n 
A 1 16 LEU 16 16 16 LEU LEU A . n 
A 1 17 TYR 17 17 17 TYR TYR A . n 
A 1 18 GLU 18 18 18 GLU GLU A . n 
A 1 19 LEU 19 19 19 LEU LEU A . n 
A 1 20 LEU 20 20 20 LEU LEU A . n 
A 1 21 HIS 21 21 21 HIS HIS A . n 
A 1 22 GLY 22 22 22 GLY GLY A . n 
A 1 23 ALA 23 23 23 ALA ALA A . n 
A 1 24 GLY 24 24 24 GLY GLY A . n 
A 1 25 ASN 25 25 25 ASN ASN A . n 
A 1 26 HIS 26 26 26 HIS HIS A . n 
A 1 27 ALA 27 27 27 ALA ALA A . n 
A 1 28 ALA 28 28 28 ALA ALA A . n 
A 1 29 GLY 29 29 29 GLY GLY A . n 
A 1 30 ILE 30 30 30 ILE ILE A . n 
A 1 31 LEU 31 31 31 LEU LEU A . n 
A 1 32 THR 32 32 32 THR THR A . n 
A 1 33 LEU 33 33 33 LEU LEU A . n 
# 
_exptl.entry_id          1R02 
_exptl.method            'SOLUTION NMR' 
_exptl.crystals_number   ? 
# 
_exptl_crystal.id                    1 
_exptl_crystal.density_meas          ? 
_exptl_crystal.density_Matthews      ? 
_exptl_crystal.density_percent_sol   ? 
_exptl_crystal.description           ? 
# 
_diffrn.id                     1 
_diffrn.ambient_temp           ? 
_diffrn.ambient_temp_details   ? 
_diffrn.crystal_id             1 
# 
_diffrn_radiation.diffrn_id                        1 
_diffrn_radiation.wavelength_id                    1 
_diffrn_radiation.pdbx_monochromatic_or_laue_m_l   M 
_diffrn_radiation.monochromator                    ? 
_diffrn_radiation.pdbx_diffrn_protocol             'SINGLE WAVELENGTH' 
_diffrn_radiation.pdbx_scattering_type             ? 
# 
_diffrn_radiation_wavelength.id           1 
_diffrn_radiation_wavelength.wavelength   . 
_diffrn_radiation_wavelength.wt           1.0 
# 
_struct.entry_id                  1R02 
_struct.title                     'Solution structure of Human Orexin-A:Regulator of Appetite and Wakefulness' 
_struct.pdbx_model_details        ? 
_struct.pdbx_CASP_flag            ? 
_struct.pdbx_model_type_details   ? 
# 
_struct_keywords.entry_id        1R02 
_struct_keywords.pdbx_keywords   NEUROPEPTIDE 
_struct_keywords.text            'turn, helix-loop-helix, NEUROPEPTIDE' 
# 
_struct_asym.id                            A 
_struct_asym.pdbx_blank_PDB_chainid_flag   N 
_struct_asym.pdbx_modified                 N 
_struct_asym.entity_id                     1 
_struct_asym.details                       ? 
# 
_struct_ref.id                         1 
_struct_ref.db_name                    UNP 
_struct_ref.db_code                    OREX_HUMAN 
_struct_ref.pdbx_db_accession          O43612 
_struct_ref.entity_id                  1 
_struct_ref.pdbx_seq_one_letter_code   QPLPDCCRQKTCSCRLYELLHGAGNHAAGILTL 
_struct_ref.pdbx_align_begin           34 
_struct_ref.pdbx_db_isoform            ? 
# 
_struct_ref_seq.align_id                      1 
_struct_ref_seq.ref_id                        1 
_struct_ref_seq.pdbx_PDB_id_code              1R02 
_struct_ref_seq.pdbx_strand_id                A 
_struct_ref_seq.seq_align_beg                 1 
_struct_ref_seq.pdbx_seq_align_beg_ins_code   ? 
_struct_ref_seq.seq_align_end                 33 
_struct_ref_seq.pdbx_seq_align_end_ins_code   ? 
_struct_ref_seq.pdbx_db_accession             O43612 
_struct_ref_seq.db_align_beg                  34 
_struct_ref_seq.pdbx_db_align_beg_ins_code    ? 
_struct_ref_seq.db_align_end                  66 
_struct_ref_seq.pdbx_db_align_end_ins_code    ? 
_struct_ref_seq.pdbx_auth_seq_align_beg       1 
_struct_ref_seq.pdbx_auth_seq_align_end       33 
# 
_pdbx_struct_assembly.id                   1 
_pdbx_struct_assembly.details              author_defined_assembly 
_pdbx_struct_assembly.method_details       ? 
_pdbx_struct_assembly.oligomeric_details   monomeric 
_pdbx_struct_assembly.oligomeric_count     1 
# 
loop_
_pdbx_struct_assembly_prop.biol_id 
_pdbx_struct_assembly_prop.type 
_pdbx_struct_assembly_prop.value 
_pdbx_struct_assembly_prop.details 
1 'ABSA (A^2)' 0    ? 
1 MORE         0    ? 
1 'SSA (A^2)'  3350 ? 
# 
_pdbx_struct_assembly_gen.assembly_id       1 
_pdbx_struct_assembly_gen.oper_expression   1 
_pdbx_struct_assembly_gen.asym_id_list      A 
# 
_pdbx_struct_oper_list.id                   1 
_pdbx_struct_oper_list.type                 'identity operation' 
_pdbx_struct_oper_list.name                 1_555 
_pdbx_struct_oper_list.symmetry_operation   ? 
_pdbx_struct_oper_list.matrix[1][1]         1.0000000000 
_pdbx_struct_oper_list.matrix[1][2]         0.0000000000 
_pdbx_struct_oper_list.matrix[1][3]         0.0000000000 
_pdbx_struct_oper_list.vector[1]            0.0000000000 
_pdbx_struct_oper_list.matrix[2][1]         0.0000000000 
_pdbx_struct_oper_list.matrix[2][2]         1.0000000000 
_pdbx_struct_oper_list.matrix[2][3]         0.0000000000 
_pdbx_struct_oper_list.vector[2]            0.0000000000 
_pdbx_struct_oper_list.matrix[3][1]         0.0000000000 
_pdbx_struct_oper_list.matrix[3][2]         0.0000000000 
_pdbx_struct_oper_list.matrix[3][3]         1.0000000000 
_pdbx_struct_oper_list.vector[3]            0.0000000000 
# 
loop_
_struct_conf.conf_type_id 
_struct_conf.id 
_struct_conf.pdbx_PDB_helix_id 
_struct_conf.beg_label_comp_id 
_struct_conf.beg_label_asym_id 
_struct_conf.beg_label_seq_id 
_struct_conf.pdbx_beg_PDB_ins_code 
_struct_conf.end_label_comp_id 
_struct_conf.end_label_asym_id 
_struct_conf.end_label_seq_id 
_struct_conf.pdbx_end_PDB_ins_code 
_struct_conf.beg_auth_comp_id 
_struct_conf.beg_auth_asym_id 
_struct_conf.beg_auth_seq_id 
_struct_conf.end_auth_comp_id 
_struct_conf.end_auth_asym_id 
_struct_conf.end_auth_seq_id 
_struct_conf.pdbx_PDB_helix_class 
_struct_conf.details 
_struct_conf.pdbx_PDB_helix_length 
HELX_P HELX_P1 1 SER A 13 ? GLY A 22 ? SER A 13 GLY A 22 1 ? 10 
HELX_P HELX_P2 2 GLY A 24 ? THR A 32 ? GLY A 24 THR A 32 1 ? 9  
# 
_struct_conf_type.id          HELX_P 
_struct_conf_type.criteria    ? 
_struct_conf_type.reference   ? 
# 
loop_
_struct_conn.id 
_struct_conn.conn_type_id 
_struct_conn.pdbx_leaving_atom_flag 
_struct_conn.pdbx_PDB_id 
_struct_conn.ptnr1_label_asym_id 
_struct_conn.ptnr1_label_comp_id 
_struct_conn.ptnr1_label_seq_id 
_struct_conn.ptnr1_label_atom_id 
_struct_conn.pdbx_ptnr1_label_alt_id 
_struct_conn.pdbx_ptnr1_PDB_ins_code 
_struct_conn.pdbx_ptnr1_standard_comp_id 
_struct_conn.ptnr1_symmetry 
_struct_conn.ptnr2_label_asym_id 
_struct_conn.ptnr2_label_comp_id 
_struct_conn.ptnr2_label_seq_id 
_struct_conn.ptnr2_label_atom_id 
_struct_conn.pdbx_ptnr2_label_alt_id 
_struct_conn.pdbx_ptnr2_PDB_ins_code 
_struct_conn.ptnr1_auth_asym_id 
_struct_conn.ptnr1_auth_comp_id 
_struct_conn.ptnr1_auth_seq_id 
_struct_conn.ptnr2_auth_asym_id 
_struct_conn.ptnr2_auth_comp_id 
_struct_conn.ptnr2_auth_seq_id 
_struct_conn.ptnr2_symmetry 
_struct_conn.pdbx_ptnr3_label_atom_id 
_struct_conn.pdbx_ptnr3_label_seq_id 
_struct_conn.pdbx_ptnr3_label_comp_id 
_struct_conn.pdbx_ptnr3_label_asym_id 
_struct_conn.pdbx_ptnr3_label_alt_id 
_struct_conn.pdbx_ptnr3_PDB_ins_code 
_struct_conn.details 
_struct_conn.pdbx_dist_value 
_struct_conn.pdbx_value_order 
_struct_conn.pdbx_role 
disulf1 disulf ? ? A CYS 6 SG ? ? ? 1_555 A CYS 12 SG ? ? A CYS 6 A CYS 12 1_555 ? ? ? ? ? ? ? 2.031 ? ? 
disulf2 disulf ? ? A CYS 7 SG ? ? ? 1_555 A CYS 14 SG ? ? A CYS 7 A CYS 14 1_555 ? ? ? ? ? ? ? 2.030 ? ? 
# 
_struct_conn_type.id          disulf 
_struct_conn_type.criteria    ? 
_struct_conn_type.reference   ? 
# 
loop_
_pdbx_modification_feature.ordinal 
_pdbx_modification_feature.label_comp_id 
_pdbx_modification_feature.label_asym_id 
_pdbx_modification_feature.label_seq_id 
_pdbx_modification_feature.label_alt_id 
_pdbx_modification_feature.modified_residue_label_comp_id 
_pdbx_modification_feature.modified_residue_label_asym_id 
_pdbx_modification_feature.modified_residue_label_seq_id 
_pdbx_modification_feature.modified_residue_label_alt_id 
_pdbx_modification_feature.auth_comp_id 
_pdbx_modification_feature.auth_asym_id 
_pdbx_modification_feature.auth_seq_id 
_pdbx_modification_feature.PDB_ins_code 
_pdbx_modification_feature.symmetry 
_pdbx_modification_feature.modified_residue_auth_comp_id 
_pdbx_modification_feature.modified_residue_auth_asym_id 
_pdbx_modification_feature.modified_residue_auth_seq_id 
_pdbx_modification_feature.modified_residue_PDB_ins_code 
_pdbx_modification_feature.modified_residue_symmetry 
_pdbx_modification_feature.comp_id_linking_atom 
_pdbx_modification_feature.modified_residue_id_linking_atom 
_pdbx_modification_feature.modified_residue_id 
_pdbx_modification_feature.ref_pcm_id 
_pdbx_modification_feature.ref_comp_id 
_pdbx_modification_feature.type 
_pdbx_modification_feature.category 
1 CYS A 6 ? CYS A 12 ? CYS A 6 ? 1_555 CYS A 12 ? 1_555 SG SG . . . None 'Disulfide bridge' 
2 CYS A 7 ? CYS A 14 ? CYS A 7 ? 1_555 CYS A 14 ? 1_555 SG SG . . . None 'Disulfide bridge' 
# 
_pdbx_entry_details.entry_id                   1R02 
_pdbx_entry_details.compound_details           ? 
_pdbx_entry_details.source_details             ? 
_pdbx_entry_details.nonpolymer_details         ? 
_pdbx_entry_details.sequence_details           ? 
_pdbx_entry_details.has_ligand_of_interest     ? 
_pdbx_entry_details.has_protein_modification   Y 
# 
loop_
_pdbx_validate_torsion.id 
_pdbx_validate_torsion.PDB_model_num 
_pdbx_validate_torsion.auth_comp_id 
_pdbx_validate_torsion.auth_asym_id 
_pdbx_validate_torsion.auth_seq_id 
_pdbx_validate_torsion.PDB_ins_code 
_pdbx_validate_torsion.label_alt_id 
_pdbx_validate_torsion.phi 
_pdbx_validate_torsion.psi 
1 1 LEU A 3 ? ? 60.04  163.12 
2 1 ASP A 5 ? ? -49.45 90.64  
3 1 CYS A 7 ? ? 62.73  72.50  
# 
_pdbx_nmr_ensemble.entry_id                             1R02 
_pdbx_nmr_ensemble.conformers_calculated_total_number   ? 
_pdbx_nmr_ensemble.conformers_submitted_total_number    1 
_pdbx_nmr_ensemble.conformer_selection_criteria         ? 
# 
loop_
_pdbx_nmr_sample_details.solution_id 
_pdbx_nmr_sample_details.contents 
_pdbx_nmr_sample_details.solvent_system 
1 '2mM orexin-A; 50mM phosphate buffer; 90% H2O, 10% D2O' '90% H2O/10% D2O' 
2 '2mM orexin-A; 50mM phosphate buffer; 100% D2O'         '100% D2O'        
# 
_pdbx_nmr_exptl_sample_conditions.conditions_id       1 
_pdbx_nmr_exptl_sample_conditions.temperature         278 
_pdbx_nmr_exptl_sample_conditions.pressure            ambient 
_pdbx_nmr_exptl_sample_conditions.pH                  7.0 
_pdbx_nmr_exptl_sample_conditions.ionic_strength      '50mM K2HPO4' 
_pdbx_nmr_exptl_sample_conditions.pressure_units      ? 
_pdbx_nmr_exptl_sample_conditions.temperature_units   K 
# 
loop_
_pdbx_nmr_exptl.experiment_id 
_pdbx_nmr_exptl.solution_id 
_pdbx_nmr_exptl.conditions_id 
_pdbx_nmr_exptl.type 
1 1 1 '2D NOESY' 
2 1 1 '2D TOCSY' 
3 1 1 DQF-COSY   
4 2 1 '2D NOESY' 
5 2 1 '2D TOCSY' 
# 
_pdbx_nmr_refine.entry_id           1R02 
_pdbx_nmr_refine.method             'distance geometry, simulated annealing, molecular dynamics' 
_pdbx_nmr_refine.details            ? 
_pdbx_nmr_refine.software_ordinal   1 
# 
loop_
_pdbx_nmr_software.name 
_pdbx_nmr_software.version 
_pdbx_nmr_software.classification 
_pdbx_nmr_software.authors 
_pdbx_nmr_software.ordinal 
CNS     1.0  'structure solution' Brunger 1 
XwinNMR 2.0  processing           Bruker  2 
NMRPipe 1.7  processing           Delagio 3 
Sparky  3.60 'data analysis'      Goddard 4 
CNS     1.0  refinement           Brunger 5 
# 
loop_
_chem_comp_atom.comp_id 
_chem_comp_atom.atom_id 
_chem_comp_atom.type_symbol 
_chem_comp_atom.pdbx_aromatic_flag 
_chem_comp_atom.pdbx_stereo_config 
_chem_comp_atom.pdbx_ordinal 
ALA N    N N N 1   
ALA CA   C N S 2   
ALA C    C N N 3   
ALA O    O N N 4   
ALA CB   C N N 5   
ALA OXT  O N N 6   
ALA H    H N N 7   
ALA H2   H N N 8   
ALA HA   H N N 9   
ALA HB1  H N N 10  
ALA HB2  H N N 11  
ALA HB3  H N N 12  
ALA HXT  H N N 13  
ARG N    N N N 14  
ARG CA   C N S 15  
ARG C    C N N 16  
ARG O    O N N 17  
ARG CB   C N N 18  
ARG CG   C N N 19  
ARG CD   C N N 20  
ARG NE   N N N 21  
ARG CZ   C N N 22  
ARG NH1  N N N 23  
ARG NH2  N N N 24  
ARG OXT  O N N 25  
ARG H    H N N 26  
ARG H2   H N N 27  
ARG HA   H N N 28  
ARG HB2  H N N 29  
ARG HB3  H N N 30  
ARG HG2  H N N 31  
ARG HG3  H N N 32  
ARG HD2  H N N 33  
ARG HD3  H N N 34  
ARG HE   H N N 35  
ARG HH11 H N N 36  
ARG HH12 H N N 37  
ARG HH21 H N N 38  
ARG HH22 H N N 39  
ARG HXT  H N N 40  
ASN N    N N N 41  
ASN CA   C N S 42  
ASN C    C N N 43  
ASN O    O N N 44  
ASN CB   C N N 45  
ASN CG   C N N 46  
ASN OD1  O N N 47  
ASN ND2  N N N 48  
ASN OXT  O N N 49  
ASN H    H N N 50  
ASN H2   H N N 51  
ASN HA   H N N 52  
ASN HB2  H N N 53  
ASN HB3  H N N 54  
ASN HD21 H N N 55  
ASN HD22 H N N 56  
ASN HXT  H N N 57  
ASP N    N N N 58  
ASP CA   C N S 59  
ASP C    C N N 60  
ASP O    O N N 61  
ASP CB   C N N 62  
ASP CG   C N N 63  
ASP OD1  O N N 64  
ASP OD2  O N N 65  
ASP OXT  O N N 66  
ASP H    H N N 67  
ASP H2   H N N 68  
ASP HA   H N N 69  
ASP HB2  H N N 70  
ASP HB3  H N N 71  
ASP HD2  H N N 72  
ASP HXT  H N N 73  
CYS N    N N N 74  
CYS CA   C N R 75  
CYS C    C N N 76  
CYS O    O N N 77  
CYS CB   C N N 78  
CYS SG   S N N 79  
CYS OXT  O N N 80  
CYS H    H N N 81  
CYS H2   H N N 82  
CYS HA   H N N 83  
CYS HB2  H N N 84  
CYS HB3  H N N 85  
CYS HG   H N N 86  
CYS HXT  H N N 87  
GLN N    N N N 88  
GLN CA   C N S 89  
GLN C    C N N 90  
GLN O    O N N 91  
GLN CB   C N N 92  
GLN CG   C N N 93  
GLN CD   C N N 94  
GLN OE1  O N N 95  
GLN NE2  N N N 96  
GLN OXT  O N N 97  
GLN H    H N N 98  
GLN H2   H N N 99  
GLN HA   H N N 100 
GLN HB2  H N N 101 
GLN HB3  H N N 102 
GLN HG2  H N N 103 
GLN HG3  H N N 104 
GLN HE21 H N N 105 
GLN HE22 H N N 106 
GLN HXT  H N N 107 
GLU N    N N N 108 
GLU CA   C N S 109 
GLU C    C N N 110 
GLU O    O N N 111 
GLU CB   C N N 112 
GLU CG   C N N 113 
GLU CD   C N N 114 
GLU OE1  O N N 115 
GLU OE2  O N N 116 
GLU OXT  O N N 117 
GLU H    H N N 118 
GLU H2   H N N 119 
GLU HA   H N N 120 
GLU HB2  H N N 121 
GLU HB3  H N N 122 
GLU HG2  H N N 123 
GLU HG3  H N N 124 
GLU HE2  H N N 125 
GLU HXT  H N N 126 
GLY N    N N N 127 
GLY CA   C N N 128 
GLY C    C N N 129 
GLY O    O N N 130 
GLY OXT  O N N 131 
GLY H    H N N 132 
GLY H2   H N N 133 
GLY HA2  H N N 134 
GLY HA3  H N N 135 
GLY HXT  H N N 136 
HIS N    N N N 137 
HIS CA   C N S 138 
HIS C    C N N 139 
HIS O    O N N 140 
HIS CB   C N N 141 
HIS CG   C Y N 142 
HIS ND1  N Y N 143 
HIS CD2  C Y N 144 
HIS CE1  C Y N 145 
HIS NE2  N Y N 146 
HIS OXT  O N N 147 
HIS H    H N N 148 
HIS H2   H N N 149 
HIS HA   H N N 150 
HIS HB2  H N N 151 
HIS HB3  H N N 152 
HIS HD1  H N N 153 
HIS HD2  H N N 154 
HIS HE1  H N N 155 
HIS HE2  H N N 156 
HIS HXT  H N N 157 
ILE N    N N N 158 
ILE CA   C N S 159 
ILE C    C N N 160 
ILE O    O N N 161 
ILE CB   C N S 162 
ILE CG1  C N N 163 
ILE CG2  C N N 164 
ILE CD1  C N N 165 
ILE OXT  O N N 166 
ILE H    H N N 167 
ILE H2   H N N 168 
ILE HA   H N N 169 
ILE HB   H N N 170 
ILE HG12 H N N 171 
ILE HG13 H N N 172 
ILE HG21 H N N 173 
ILE HG22 H N N 174 
ILE HG23 H N N 175 
ILE HD11 H N N 176 
ILE HD12 H N N 177 
ILE HD13 H N N 178 
ILE HXT  H N N 179 
LEU N    N N N 180 
LEU CA   C N S 181 
LEU C    C N N 182 
LEU O    O N N 183 
LEU CB   C N N 184 
LEU CG   C N N 185 
LEU CD1  C N N 186 
LEU CD2  C N N 187 
LEU OXT  O N N 188 
LEU H    H N N 189 
LEU H2   H N N 190 
LEU HA   H N N 191 
LEU HB2  H N N 192 
LEU HB3  H N N 193 
LEU HG   H N N 194 
LEU HD11 H N N 195 
LEU HD12 H N N 196 
LEU HD13 H N N 197 
LEU HD21 H N N 198 
LEU HD22 H N N 199 
LEU HD23 H N N 200 
LEU HXT  H N N 201 
LYS N    N N N 202 
LYS CA   C N S 203 
LYS C    C N N 204 
LYS O    O N N 205 
LYS CB   C N N 206 
LYS CG   C N N 207 
LYS CD   C N N 208 
LYS CE   C N N 209 
LYS NZ   N N N 210 
LYS OXT  O N N 211 
LYS H    H N N 212 
LYS H2   H N N 213 
LYS HA   H N N 214 
LYS HB2  H N N 215 
LYS HB3  H N N 216 
LYS HG2  H N N 217 
LYS HG3  H N N 218 
LYS HD2  H N N 219 
LYS HD3  H N N 220 
LYS HE2  H N N 221 
LYS HE3  H N N 222 
LYS HZ1  H N N 223 
LYS HZ2  H N N 224 
LYS HZ3  H N N 225 
LYS HXT  H N N 226 
PRO N    N N N 227 
PRO CA   C N S 228 
PRO C    C N N 229 
PRO O    O N N 230 
PRO CB   C N N 231 
PRO CG   C N N 232 
PRO CD   C N N 233 
PRO OXT  O N N 234 
PRO H    H N N 235 
PRO HA   H N N 236 
PRO HB2  H N N 237 
PRO HB3  H N N 238 
PRO HG2  H N N 239 
PRO HG3  H N N 240 
PRO HD2  H N N 241 
PRO HD3  H N N 242 
PRO HXT  H N N 243 
SER N    N N N 244 
SER CA   C N S 245 
SER C    C N N 246 
SER O    O N N 247 
SER CB   C N N 248 
SER OG   O N N 249 
SER OXT  O N N 250 
SER H    H N N 251 
SER H2   H N N 252 
SER HA   H N N 253 
SER HB2  H N N 254 
SER HB3  H N N 255 
SER HG   H N N 256 
SER HXT  H N N 257 
THR N    N N N 258 
THR CA   C N S 259 
THR C    C N N 260 
THR O    O N N 261 
THR CB   C N R 262 
THR OG1  O N N 263 
THR CG2  C N N 264 
THR OXT  O N N 265 
THR H    H N N 266 
THR H2   H N N 267 
THR HA   H N N 268 
THR HB   H N N 269 
THR HG1  H N N 270 
THR HG21 H N N 271 
THR HG22 H N N 272 
THR HG23 H N N 273 
THR HXT  H N N 274 
TYR N    N N N 275 
TYR CA   C N S 276 
TYR C    C N N 277 
TYR O    O N N 278 
TYR CB   C N N 279 
TYR CG   C Y N 280 
TYR CD1  C Y N 281 
TYR CD2  C Y N 282 
TYR CE1  C Y N 283 
TYR CE2  C Y N 284 
TYR CZ   C Y N 285 
TYR OH   O N N 286 
TYR OXT  O N N 287 
TYR H    H N N 288 
TYR H2   H N N 289 
TYR HA   H N N 290 
TYR HB2  H N N 291 
TYR HB3  H N N 292 
TYR HD1  H N N 293 
TYR HD2  H N N 294 
TYR HE1  H N N 295 
TYR HE2  H N N 296 
TYR HH   H N N 297 
TYR HXT  H N N 298 
# 
loop_
_chem_comp_bond.comp_id 
_chem_comp_bond.atom_id_1 
_chem_comp_bond.atom_id_2 
_chem_comp_bond.value_order 
_chem_comp_bond.pdbx_aromatic_flag 
_chem_comp_bond.pdbx_stereo_config 
_chem_comp_bond.pdbx_ordinal 
ALA N   CA   sing N N 1   
ALA N   H    sing N N 2   
ALA N   H2   sing N N 3   
ALA CA  C    sing N N 4   
ALA CA  CB   sing N N 5   
ALA CA  HA   sing N N 6   
ALA C   O    doub N N 7   
ALA C   OXT  sing N N 8   
ALA CB  HB1  sing N N 9   
ALA CB  HB2  sing N N 10  
ALA CB  HB3  sing N N 11  
ALA OXT HXT  sing N N 12  
ARG N   CA   sing N N 13  
ARG N   H    sing N N 14  
ARG N   H2   sing N N 15  
ARG CA  C    sing N N 16  
ARG CA  CB   sing N N 17  
ARG CA  HA   sing N N 18  
ARG C   O    doub N N 19  
ARG C   OXT  sing N N 20  
ARG CB  CG   sing N N 21  
ARG CB  HB2  sing N N 22  
ARG CB  HB3  sing N N 23  
ARG CG  CD   sing N N 24  
ARG CG  HG2  sing N N 25  
ARG CG  HG3  sing N N 26  
ARG CD  NE   sing N N 27  
ARG CD  HD2  sing N N 28  
ARG CD  HD3  sing N N 29  
ARG NE  CZ   sing N N 30  
ARG NE  HE   sing N N 31  
ARG CZ  NH1  sing N N 32  
ARG CZ  NH2  doub N N 33  
ARG NH1 HH11 sing N N 34  
ARG NH1 HH12 sing N N 35  
ARG NH2 HH21 sing N N 36  
ARG NH2 HH22 sing N N 37  
ARG OXT HXT  sing N N 38  
ASN N   CA   sing N N 39  
ASN N   H    sing N N 40  
ASN N   H2   sing N N 41  
ASN CA  C    sing N N 42  
ASN CA  CB   sing N N 43  
ASN CA  HA   sing N N 44  
ASN C   O    doub N N 45  
ASN C   OXT  sing N N 46  
ASN CB  CG   sing N N 47  
ASN CB  HB2  sing N N 48  
ASN CB  HB3  sing N N 49  
ASN CG  OD1  doub N N 50  
ASN CG  ND2  sing N N 51  
ASN ND2 HD21 sing N N 52  
ASN ND2 HD22 sing N N 53  
ASN OXT HXT  sing N N 54  
ASP N   CA   sing N N 55  
ASP N   H    sing N N 56  
ASP N   H2   sing N N 57  
ASP CA  C    sing N N 58  
ASP CA  CB   sing N N 59  
ASP CA  HA   sing N N 60  
ASP C   O    doub N N 61  
ASP C   OXT  sing N N 62  
ASP CB  CG   sing N N 63  
ASP CB  HB2  sing N N 64  
ASP CB  HB3  sing N N 65  
ASP CG  OD1  doub N N 66  
ASP CG  OD2  sing N N 67  
ASP OD2 HD2  sing N N 68  
ASP OXT HXT  sing N N 69  
CYS N   CA   sing N N 70  
CYS N   H    sing N N 71  
CYS N   H2   sing N N 72  
CYS CA  C    sing N N 73  
CYS CA  CB   sing N N 74  
CYS CA  HA   sing N N 75  
CYS C   O    doub N N 76  
CYS C   OXT  sing N N 77  
CYS CB  SG   sing N N 78  
CYS CB  HB2  sing N N 79  
CYS CB  HB3  sing N N 80  
CYS SG  HG   sing N N 81  
CYS OXT HXT  sing N N 82  
GLN N   CA   sing N N 83  
GLN N   H    sing N N 84  
GLN N   H2   sing N N 85  
GLN CA  C    sing N N 86  
GLN CA  CB   sing N N 87  
GLN CA  HA   sing N N 88  
GLN C   O    doub N N 89  
GLN C   OXT  sing N N 90  
GLN CB  CG   sing N N 91  
GLN CB  HB2  sing N N 92  
GLN CB  HB3  sing N N 93  
GLN CG  CD   sing N N 94  
GLN CG  HG2  sing N N 95  
GLN CG  HG3  sing N N 96  
GLN CD  OE1  doub N N 97  
GLN CD  NE2  sing N N 98  
GLN NE2 HE21 sing N N 99  
GLN NE2 HE22 sing N N 100 
GLN OXT HXT  sing N N 101 
GLU N   CA   sing N N 102 
GLU N   H    sing N N 103 
GLU N   H2   sing N N 104 
GLU CA  C    sing N N 105 
GLU CA  CB   sing N N 106 
GLU CA  HA   sing N N 107 
GLU C   O    doub N N 108 
GLU C   OXT  sing N N 109 
GLU CB  CG   sing N N 110 
GLU CB  HB2  sing N N 111 
GLU CB  HB3  sing N N 112 
GLU CG  CD   sing N N 113 
GLU CG  HG2  sing N N 114 
GLU CG  HG3  sing N N 115 
GLU CD  OE1  doub N N 116 
GLU CD  OE2  sing N N 117 
GLU OE2 HE2  sing N N 118 
GLU OXT HXT  sing N N 119 
GLY N   CA   sing N N 120 
GLY N   H    sing N N 121 
GLY N   H2   sing N N 122 
GLY CA  C    sing N N 123 
GLY CA  HA2  sing N N 124 
GLY CA  HA3  sing N N 125 
GLY C   O    doub N N 126 
GLY C   OXT  sing N N 127 
GLY OXT HXT  sing N N 128 
HIS N   CA   sing N N 129 
HIS N   H    sing N N 130 
HIS N   H2   sing N N 131 
HIS CA  C    sing N N 132 
HIS CA  CB   sing N N 133 
HIS CA  HA   sing N N 134 
HIS C   O    doub N N 135 
HIS C   OXT  sing N N 136 
HIS CB  CG   sing N N 137 
HIS CB  HB2  sing N N 138 
HIS CB  HB3  sing N N 139 
HIS CG  ND1  sing Y N 140 
HIS CG  CD2  doub Y N 141 
HIS ND1 CE1  doub Y N 142 
HIS ND1 HD1  sing N N 143 
HIS CD2 NE2  sing Y N 144 
HIS CD2 HD2  sing N N 145 
HIS CE1 NE2  sing Y N 146 
HIS CE1 HE1  sing N N 147 
HIS NE2 HE2  sing N N 148 
HIS OXT HXT  sing N N 149 
ILE N   CA   sing N N 150 
ILE N   H    sing N N 151 
ILE N   H2   sing N N 152 
ILE CA  C    sing N N 153 
ILE CA  CB   sing N N 154 
ILE CA  HA   sing N N 155 
ILE C   O    doub N N 156 
ILE C   OXT  sing N N 157 
ILE CB  CG1  sing N N 158 
ILE CB  CG2  sing N N 159 
ILE CB  HB   sing N N 160 
ILE CG1 CD1  sing N N 161 
ILE CG1 HG12 sing N N 162 
ILE CG1 HG13 sing N N 163 
ILE CG2 HG21 sing N N 164 
ILE CG2 HG22 sing N N 165 
ILE CG2 HG23 sing N N 166 
ILE CD1 HD11 sing N N 167 
ILE CD1 HD12 sing N N 168 
ILE CD1 HD13 sing N N 169 
ILE OXT HXT  sing N N 170 
LEU N   CA   sing N N 171 
LEU N   H    sing N N 172 
LEU N   H2   sing N N 173 
LEU CA  C    sing N N 174 
LEU CA  CB   sing N N 175 
LEU CA  HA   sing N N 176 
LEU C   O    doub N N 177 
LEU C   OXT  sing N N 178 
LEU CB  CG   sing N N 179 
LEU CB  HB2  sing N N 180 
LEU CB  HB3  sing N N 181 
LEU CG  CD1  sing N N 182 
LEU CG  CD2  sing N N 183 
LEU CG  HG   sing N N 184 
LEU CD1 HD11 sing N N 185 
LEU CD1 HD12 sing N N 186 
LEU CD1 HD13 sing N N 187 
LEU CD2 HD21 sing N N 188 
LEU CD2 HD22 sing N N 189 
LEU CD2 HD23 sing N N 190 
LEU OXT HXT  sing N N 191 
LYS N   CA   sing N N 192 
LYS N   H    sing N N 193 
LYS N   H2   sing N N 194 
LYS CA  C    sing N N 195 
LYS CA  CB   sing N N 196 
LYS CA  HA   sing N N 197 
LYS C   O    doub N N 198 
LYS C   OXT  sing N N 199 
LYS CB  CG   sing N N 200 
LYS CB  HB2  sing N N 201 
LYS CB  HB3  sing N N 202 
LYS CG  CD   sing N N 203 
LYS CG  HG2  sing N N 204 
LYS CG  HG3  sing N N 205 
LYS CD  CE   sing N N 206 
LYS CD  HD2  sing N N 207 
LYS CD  HD3  sing N N 208 
LYS CE  NZ   sing N N 209 
LYS CE  HE2  sing N N 210 
LYS CE  HE3  sing N N 211 
LYS NZ  HZ1  sing N N 212 
LYS NZ  HZ2  sing N N 213 
LYS NZ  HZ3  sing N N 214 
LYS OXT HXT  sing N N 215 
PRO N   CA   sing N N 216 
PRO N   CD   sing N N 217 
PRO N   H    sing N N 218 
PRO CA  C    sing N N 219 
PRO CA  CB   sing N N 220 
PRO CA  HA   sing N N 221 
PRO C   O    doub N N 222 
PRO C   OXT  sing N N 223 
PRO CB  CG   sing N N 224 
PRO CB  HB2  sing N N 225 
PRO CB  HB3  sing N N 226 
PRO CG  CD   sing N N 227 
PRO CG  HG2  sing N N 228 
PRO CG  HG3  sing N N 229 
PRO CD  HD2  sing N N 230 
PRO CD  HD3  sing N N 231 
PRO OXT HXT  sing N N 232 
SER N   CA   sing N N 233 
SER N   H    sing N N 234 
SER N   H2   sing N N 235 
SER CA  C    sing N N 236 
SER CA  CB   sing N N 237 
SER CA  HA   sing N N 238 
SER C   O    doub N N 239 
SER C   OXT  sing N N 240 
SER CB  OG   sing N N 241 
SER CB  HB2  sing N N 242 
SER CB  HB3  sing N N 243 
SER OG  HG   sing N N 244 
SER OXT HXT  sing N N 245 
THR N   CA   sing N N 246 
THR N   H    sing N N 247 
THR N   H2   sing N N 248 
THR CA  C    sing N N 249 
THR CA  CB   sing N N 250 
THR CA  HA   sing N N 251 
THR C   O    doub N N 252 
THR C   OXT  sing N N 253 
THR CB  OG1  sing N N 254 
THR CB  CG2  sing N N 255 
THR CB  HB   sing N N 256 
THR OG1 HG1  sing N N 257 
THR CG2 HG21 sing N N 258 
THR CG2 HG22 sing N N 259 
THR CG2 HG23 sing N N 260 
THR OXT HXT  sing N N 261 
TYR N   CA   sing N N 262 
TYR N   H    sing N N 263 
TYR N   H2   sing N N 264 
TYR CA  C    sing N N 265 
TYR CA  CB   sing N N 266 
TYR CA  HA   sing N N 267 
TYR C   O    doub N N 268 
TYR C   OXT  sing N N 269 
TYR CB  CG   sing N N 270 
TYR CB  HB2  sing N N 271 
TYR CB  HB3  sing N N 272 
TYR CG  CD1  doub Y N 273 
TYR CG  CD2  sing Y N 274 
TYR CD1 CE1  sing Y N 275 
TYR CD1 HD1  sing N N 276 
TYR CD2 CE2  doub Y N 277 
TYR CD2 HD2  sing N N 278 
TYR CE1 CZ   doub Y N 279 
TYR CE1 HE1  sing N N 280 
TYR CE2 CZ   sing Y N 281 
TYR CE2 HE2  sing N N 282 
TYR CZ  OH   sing N N 283 
TYR OH  HH   sing N N 284 
TYR OXT HXT  sing N N 285 
# 
loop_
_pdbx_nmr_spectrometer.spectrometer_id 
_pdbx_nmr_spectrometer.type 
_pdbx_nmr_spectrometer.manufacturer 
_pdbx_nmr_spectrometer.model 
_pdbx_nmr_spectrometer.field_strength 
1 ? Bruker DRX 500 
2 ? Bruker DRX 600 
# 
_atom_sites.entry_id                    1R02 
_atom_sites.fract_transf_matrix[1][1]   1.000000 
_atom_sites.fract_transf_matrix[1][2]   0.000000 
_atom_sites.fract_transf_matrix[1][3]   0.000000 
_atom_sites.fract_transf_matrix[2][1]   0.000000 
_atom_sites.fract_transf_matrix[2][2]   1.000000 
_atom_sites.fract_transf_matrix[2][3]   0.000000 
_atom_sites.fract_transf_matrix[3][1]   0.000000 
_atom_sites.fract_transf_matrix[3][2]   0.000000 
_atom_sites.fract_transf_matrix[3][3]   1.000000 
_atom_sites.fract_transf_vector[1]      0.00000 
_atom_sites.fract_transf_vector[2]      0.00000 
_atom_sites.fract_transf_vector[3]      0.00000 
# 
loop_
_atom_type.symbol 
C 
H 
N 
O 
S 
# 
loop_
_atom_site.group_PDB 
_atom_site.id 
_atom_site.type_symbol 
_atom_site.label_atom_id 
_atom_site.label_alt_id 
_atom_site.label_comp_id 
_atom_site.label_asym_id 
_atom_site.label_entity_id 
_atom_site.label_seq_id 
_atom_site.pdbx_PDB_ins_code 
_atom_site.Cartn_x 
_atom_site.Cartn_y 
_atom_site.Cartn_z 
_atom_site.occupancy 
_atom_site.B_iso_or_equiv 
_atom_site.pdbx_formal_charge 
_atom_site.auth_seq_id 
_atom_site.auth_comp_id 
_atom_site.auth_asym_id 
_atom_site.auth_atom_id 
_atom_site.pdbx_PDB_model_num 
ATOM 1   N N    . GLN A 1 1  ? 16.982  -13.047 -9.550  1.00 11.02 ? 1  GLN A N    1 
ATOM 2   C CA   . GLN A 1 1  ? 17.008  -12.865 -8.073  1.00 10.36 ? 1  GLN A CA   1 
ATOM 3   C C    . GLN A 1 1  ? 16.208  -11.633 -7.637  1.00 9.45  ? 1  GLN A C    1 
ATOM 4   O O    . GLN A 1 1  ? 15.430  -11.702 -6.686  1.00 9.34  ? 1  GLN A O    1 
ATOM 5   C CB   . GLN A 1 1  ? 18.466  -12.748 -7.609  1.00 10.69 ? 1  GLN A CB   1 
ATOM 6   C CG   . GLN A 1 1  ? 18.617  -12.434 -6.130  1.00 11.26 ? 1  GLN A CG   1 
ATOM 7   C CD   . GLN A 1 1  ? 17.848  -13.396 -5.247  1.00 11.68 ? 1  GLN A CD   1 
ATOM 8   O OE1  . GLN A 1 1  ? 16.856  -12.966 -4.623  1.00 11.97 ? 1  GLN A OE1  1 
ATOM 9   N NE2  . GLN A 1 1  ? 18.238  -14.583 -5.181  1.00 11.90 ? 1  GLN A NE2  1 
ATOM 10  H H1   . GLN A 1 1  ? 16.931  -14.067 -9.742  1.00 11.21 ? 1  GLN A H1   1 
ATOM 11  H H2   . GLN A 1 1  ? 17.856  -12.636 -9.939  1.00 11.26 ? 1  GLN A H2   1 
ATOM 12  H H3   . GLN A 1 1  ? 16.141  -12.558 -9.916  1.00 11.19 ? 1  GLN A H3   1 
ATOM 13  H HA   . GLN A 1 1  ? 16.567  -13.741 -7.618  1.00 10.53 ? 1  GLN A HA   1 
ATOM 14  H HB2  . GLN A 1 1  ? 18.968  -13.683 -7.809  1.00 10.93 ? 1  GLN A HB2  1 
ATOM 15  H HB3  . GLN A 1 1  ? 18.950  -11.964 -8.172  1.00 10.52 ? 1  GLN A HB3  1 
ATOM 16  H HG2  . GLN A 1 1  ? 19.665  -12.488 -5.869  1.00 11.34 ? 1  GLN A HG2  1 
ATOM 17  H HG3  . GLN A 1 1  ? 18.254  -11.434 -5.948  1.00 11.54 ? 1  GLN A HG3  1 
ATOM 18  N N    . PRO A 1 2  ? 16.380  -10.487 -8.326  1.00 9.01  ? 2  PRO A N    1 
ATOM 19  C CA   . PRO A 1 2  ? 15.658  -9.256  -7.986  1.00 8.36  ? 2  PRO A CA   1 
ATOM 20  C C    . PRO A 1 2  ? 14.150  -9.473  -7.895  1.00 7.61  ? 2  PRO A C    1 
ATOM 21  O O    . PRO A 1 2  ? 13.447  -8.721  -7.221  1.00 7.65  ? 2  PRO A O    1 
ATOM 22  C CB   . PRO A 1 2  ? 15.990  -8.314  -9.145  1.00 8.47  ? 2  PRO A CB   1 
ATOM 23  C CG   . PRO A 1 2  ? 17.294  -8.804  -9.668  1.00 8.99  ? 2  PRO A CG   1 
ATOM 24  C CD   . PRO A 1 2  ? 17.282  -10.294 -9.478  1.00 9.41  ? 2  PRO A CD   1 
ATOM 25  H HA   . PRO A 1 2  ? 16.015  -8.832  -7.058  1.00 8.65  ? 2  PRO A HA   1 
ATOM 26  H HB2  . PRO A 1 2  ? 15.214  -8.371  -9.894  1.00 8.09  ? 2  PRO A HB2  1 
ATOM 27  H HB3  . PRO A 1 2  ? 16.069  -7.301  -8.776  1.00 8.85  ? 2  PRO A HB3  1 
ATOM 28  H HG2  . PRO A 1 2  ? 17.384  -8.560  -10.717 1.00 8.92  ? 2  PRO A HG2  1 
ATOM 29  H HG3  . PRO A 1 2  ? 18.105  -8.362  -9.108  1.00 9.38  ? 2  PRO A HG3  1 
ATOM 30  H HD2  . PRO A 1 2  ? 16.890  -10.784 -10.359 1.00 9.49  ? 2  PRO A HD2  1 
ATOM 31  H HD3  . PRO A 1 2  ? 18.274  -10.654 -9.257  1.00 10.10 ? 2  PRO A HD3  1 
ATOM 32  N N    . LEU A 1 3  ? 13.659  -10.503 -8.578  1.00 7.22  ? 3  LEU A N    1 
ATOM 33  C CA   . LEU A 1 3  ? 12.234  -10.811 -8.570  1.00 6.78  ? 3  LEU A CA   1 
ATOM 34  C C    . LEU A 1 3  ? 11.430  -9.636  -9.122  1.00 5.80  ? 3  LEU A C    1 
ATOM 35  O O    . LEU A 1 3  ? 11.938  -8.519  -9.207  1.00 5.70  ? 3  LEU A O    1 
ATOM 36  C CB   . LEU A 1 3  ? 11.772  -11.140 -7.147  1.00 7.43  ? 3  LEU A CB   1 
ATOM 37  C CG   . LEU A 1 3  ? 12.177  -12.524 -6.635  1.00 8.26  ? 3  LEU A CG   1 
ATOM 38  C CD1  . LEU A 1 3  ? 11.517  -12.811 -5.296  1.00 8.84  ? 3  LEU A CD1  1 
ATOM 39  C CD2  . LEU A 1 3  ? 11.815  -13.601 -7.649  1.00 8.91  ? 3  LEU A CD2  1 
ATOM 40  H H    . LEU A 1 3  ? 14.268  -11.069 -9.099  1.00 7.44  ? 3  LEU A H    1 
ATOM 41  H HA   . LEU A 1 3  ? 12.074  -11.673 -9.201  1.00 7.05  ? 3  LEU A HA   1 
ATOM 42  H HB2  . LEU A 1 3  ? 12.187  -10.399 -6.479  1.00 7.79  ? 3  LEU A HB2  1 
ATOM 43  H HB3  . LEU A 1 3  ? 10.696  -11.068 -7.111  1.00 7.25  ? 3  LEU A HB3  1 
ATOM 44  H HG   . LEU A 1 3  ? 13.247  -12.548 -6.489  1.00 8.27  ? 3  LEU A HG   1 
ATOM 45  H HD11 . LEU A 1 3  ? 12.070  -13.580 -4.776  1.00 9.03  ? 3  LEU A HD11 1 
ATOM 46  H HD12 . LEU A 1 3  ? 10.501  -13.145 -5.458  1.00 9.15  ? 3  LEU A HD12 1 
ATOM 47  H HD13 . LEU A 1 3  ? 11.507  -11.911 -4.698  1.00 9.01  ? 3  LEU A HD13 1 
ATOM 48  H HD21 . LEU A 1 3  ? 11.032  -13.237 -8.297  1.00 9.21  ? 3  LEU A HD21 1 
ATOM 49  H HD22 . LEU A 1 3  ? 11.473  -14.484 -7.132  1.00 9.12  ? 3  LEU A HD22 1 
ATOM 50  H HD23 . LEU A 1 3  ? 12.685  -13.845 -8.240  1.00 9.11  ? 3  LEU A HD23 1 
ATOM 51  N N    . PRO A 1 4  ? 10.160  -9.869  -9.508  1.00 5.41  ? 4  PRO A N    1 
ATOM 52  C CA   . PRO A 1 4  ? 9.289   -8.825  -10.050 1.00 4.85  ? 4  PRO A CA   1 
ATOM 53  C C    . PRO A 1 4  ? 9.427   -7.509  -9.291  1.00 3.83  ? 4  PRO A C    1 
ATOM 54  O O    . PRO A 1 4  ? 9.298   -7.469  -8.069  1.00 3.70  ? 4  PRO A O    1 
ATOM 55  C CB   . PRO A 1 4  ? 7.873   -9.401  -9.885  1.00 5.28  ? 4  PRO A CB   1 
ATOM 56  C CG   . PRO A 1 4  ? 8.038   -10.737 -9.225  1.00 5.78  ? 4  PRO A CG   1 
ATOM 57  C CD   . PRO A 1 4  ? 9.462   -11.155 -9.447  1.00 5.97  ? 4  PRO A CD   1 
ATOM 58  H HA   . PRO A 1 4  ? 9.490   -8.653  -11.098 1.00 5.34  ? 4  PRO A HA   1 
ATOM 59  H HB2  . PRO A 1 4  ? 7.282   -8.736  -9.275  1.00 4.92  ? 4  PRO A HB2  1 
ATOM 60  H HB3  . PRO A 1 4  ? 7.412   -9.502  -10.857 1.00 5.96  ? 4  PRO A HB3  1 
ATOM 61  H HG2  . PRO A 1 4  ? 7.837   -10.648 -8.167  1.00 5.64  ? 4  PRO A HG2  1 
ATOM 62  H HG3  . PRO A 1 4  ? 7.364   -11.454 -9.673  1.00 6.51  ? 4  PRO A HG3  1 
ATOM 63  H HD2  . PRO A 1 4  ? 9.816   -11.754 -8.623  1.00 5.98  ? 4  PRO A HD2  1 
ATOM 64  H HD3  . PRO A 1 4  ? 9.559   -11.692 -10.379 1.00 6.80  ? 4  PRO A HD3  1 
ATOM 65  N N    . ASP A 1 5  ? 9.700   -6.437  -10.030 1.00 3.60  ? 5  ASP A N    1 
ATOM 66  C CA   . ASP A 1 5  ? 9.870   -5.113  -9.440  1.00 3.19  ? 5  ASP A CA   1 
ATOM 67  C C    . ASP A 1 5  ? 8.722   -4.769  -8.493  1.00 2.76  ? 5  ASP A C    1 
ATOM 68  O O    . ASP A 1 5  ? 7.706   -4.212  -8.910  1.00 3.40  ? 5  ASP A O    1 
ATOM 69  C CB   . ASP A 1 5  ? 9.966   -4.056  -10.541 1.00 4.05  ? 5  ASP A CB   1 
ATOM 70  C CG   . ASP A 1 5  ? 10.932  -2.941  -10.191 1.00 4.88  ? 5  ASP A CG   1 
ATOM 71  O OD1  . ASP A 1 5  ? 10.833  -2.402  -9.068  1.00 5.41  ? 5  ASP A OD1  1 
ATOM 72  O OD2  . ASP A 1 5  ? 11.786  -2.606  -11.039 1.00 5.37  ? 5  ASP A OD2  1 
ATOM 73  H H    . ASP A 1 5  ? 9.798   -6.541  -11.000 1.00 4.11  ? 5  ASP A H    1 
ATOM 74  H HA   . ASP A 1 5  ? 10.792  -5.117  -8.879  1.00 3.28  ? 5  ASP A HA   1 
ATOM 75  H HB2  . ASP A 1 5  ? 10.306  -4.526  -11.453 1.00 4.29  ? 5  ASP A HB2  1 
ATOM 76  H HB3  . ASP A 1 5  ? 8.990   -3.625  -10.705 1.00 4.32  ? 5  ASP A HB3  1 
ATOM 77  N N    . CYS A 1 6  ? 8.892   -5.108  -7.219  1.00 2.29  ? 6  CYS A N    1 
ATOM 78  C CA   . CYS A 1 6  ? 7.885   -4.839  -6.215  1.00 2.54  ? 6  CYS A CA   1 
ATOM 79  C C    . CYS A 1 6  ? 8.149   -3.502  -5.529  1.00 2.88  ? 6  CYS A C    1 
ATOM 80  O O    . CYS A 1 6  ? 8.419   -3.448  -4.329  1.00 3.18  ? 6  CYS A O    1 
ATOM 81  C CB   . CYS A 1 6  ? 7.852   -5.970  -5.185  1.00 2.76  ? 6  CYS A CB   1 
ATOM 82  S SG   . CYS A 1 6  ? 6.532   -7.196  -5.463  1.00 3.72  ? 6  CYS A SG   1 
ATOM 83  H H    . CYS A 1 6  ? 9.713   -5.546  -6.948  1.00 2.35  ? 6  CYS A H    1 
ATOM 84  H HA   . CYS A 1 6  ? 6.943   -4.797  -6.719  1.00 3.23  ? 6  CYS A HA   1 
ATOM 85  H HB2  . CYS A 1 6  ? 8.796   -6.495  -5.208  1.00 2.78  ? 6  CYS A HB2  1 
ATOM 86  H HB3  . CYS A 1 6  ? 7.708   -5.548  -4.204  1.00 3.17  ? 6  CYS A HB3  1 
ATOM 87  N N    . CYS A 1 7  ? 8.076   -2.424  -6.305  1.00 3.50  ? 7  CYS A N    1 
ATOM 88  C CA   . CYS A 1 7  ? 8.313   -1.084  -5.777  1.00 4.42  ? 7  CYS A CA   1 
ATOM 89  C C    . CYS A 1 7  ? 9.740   -0.952  -5.260  1.00 5.09  ? 7  CYS A C    1 
ATOM 90  O O    . CYS A 1 7  ? 9.975   -0.898  -4.052  1.00 5.93  ? 7  CYS A O    1 
ATOM 91  C CB   . CYS A 1 7  ? 7.317   -0.765  -4.660  1.00 4.57  ? 7  CYS A CB   1 
ATOM 92  S SG   . CYS A 1 7  ? 5.591   -0.633  -5.221  1.00 4.70  ? 7  CYS A SG   1 
ATOM 93  H H    . CYS A 1 7  ? 7.863   -2.531  -7.254  1.00 3.63  ? 7  CYS A H    1 
ATOM 94  H HA   . CYS A 1 7  ? 8.170   -0.382  -6.584  1.00 4.89  ? 7  CYS A HA   1 
ATOM 95  H HB2  . CYS A 1 7  ? 7.362   -1.545  -3.915  1.00 4.23  ? 7  CYS A HB2  1 
ATOM 96  H HB3  . CYS A 1 7  ? 7.589   0.176   -4.204  1.00 5.33  ? 7  CYS A HB3  1 
ATOM 97  N N    . ARG A 1 8  ? 10.695  -0.896  -6.186  1.00 4.97  ? 8  ARG A N    1 
ATOM 98  C CA   . ARG A 1 8  ? 12.103  -0.765  -5.831  1.00 5.71  ? 8  ARG A CA   1 
ATOM 99  C C    . ARG A 1 8  ? 12.594  -1.996  -5.074  1.00 5.67  ? 8  ARG A C    1 
ATOM 100 O O    . ARG A 1 8  ? 13.550  -1.918  -4.300  1.00 6.47  ? 8  ARG A O    1 
ATOM 101 C CB   . ARG A 1 8  ? 12.323  0.493   -4.988  1.00 6.52  ? 8  ARG A CB   1 
ATOM 102 C CG   . ARG A 1 8  ? 12.830  1.679   -5.789  1.00 7.17  ? 8  ARG A CG   1 
ATOM 103 C CD   . ARG A 1 8  ? 14.348  1.685   -5.869  1.00 7.79  ? 8  ARG A CD   1 
ATOM 104 N NE   . ARG A 1 8  ? 14.884  0.397   -6.301  1.00 8.46  ? 8  ARG A NE   1 
ATOM 105 C CZ   . ARG A 1 8  ? 14.919  -0.002  -7.571  1.00 8.96  ? 8  ARG A CZ   1 
ATOM 106 N NH1  . ARG A 1 8  ? 14.440  0.775   -8.534  1.00 8.92  ? 8  ARG A NH1  1 
ATOM 107 N NH2  . ARG A 1 8  ? 15.435  -1.186  -7.878  1.00 9.74  ? 8  ARG A NH2  1 
ATOM 108 H H    . ARG A 1 8  ? 10.443  -0.942  -7.132  1.00 4.54  ? 8  ARG A H    1 
ATOM 109 H HA   . ARG A 1 8  ? 12.666  -0.676  -6.748  1.00 6.00  ? 8  ARG A HA   1 
ATOM 110 H HB2  . ARG A 1 8  ? 11.387  0.770   -4.526  1.00 6.53  ? 8  ARG A HB2  1 
ATOM 111 H HB3  . ARG A 1 8  ? 13.045  0.274   -4.214  1.00 6.96  ? 8  ARG A HB3  1 
ATOM 112 H HG2  . ARG A 1 8  ? 12.428  1.623   -6.789  1.00 7.40  ? 8  ARG A HG2  1 
ATOM 113 H HG3  . ARG A 1 8  ? 12.498  2.589   -5.316  1.00 7.28  ? 8  ARG A HG3  1 
ATOM 114 H HD2  . ARG A 1 8  ? 14.655  2.447   -6.571  1.00 7.81  ? 8  ARG A HD2  1 
ATOM 115 H HD3  . ARG A 1 8  ? 14.745  1.921   -4.892  1.00 8.01  ? 8  ARG A HD3  1 
ATOM 116 H HE   . ARG A 1 8  ? 15.238  -0.201  -5.611  1.00 8.70  ? 8  ARG A HE   1 
ATOM 117 H HH11 . ARG A 1 8  ? 14.048  1.667   -8.309  1.00 8.49  ? 8  ARG A HH11 1 
ATOM 118 H HH12 . ARG A 1 8  ? 14.471  0.468   -9.484  1.00 9.46  ? 8  ARG A HH12 1 
ATOM 119 H HH21 . ARG A 1 8  ? 15.797  -1.777  -7.158  1.00 9.96  ? 8  ARG A HH21 1 
ATOM 120 H HH22 . ARG A 1 8  ? 15.464  -1.485  -8.832  1.00 10.23 ? 8  ARG A HH22 1 
ATOM 121 N N    . GLN A 1 9  ? 11.939  -3.131  -5.301  1.00 5.00  ? 9  GLN A N    1 
ATOM 122 C CA   . GLN A 1 9  ? 12.316  -4.375  -4.637  1.00 5.35  ? 9  GLN A CA   1 
ATOM 123 C C    . GLN A 1 9  ? 12.269  -4.217  -3.121  1.00 4.93  ? 9  GLN A C    1 
ATOM 124 O O    . GLN A 1 9  ? 13.114  -4.754  -2.403  1.00 5.51  ? 9  GLN A O    1 
ATOM 125 C CB   . GLN A 1 9  ? 13.719  -4.803  -5.073  1.00 6.33  ? 9  GLN A CB   1 
ATOM 126 C CG   . GLN A 1 9  ? 14.060  -6.237  -4.705  1.00 7.12  ? 9  GLN A CG   1 
ATOM 127 C CD   . GLN A 1 9  ? 15.486  -6.389  -4.210  1.00 8.09  ? 9  GLN A CD   1 
ATOM 128 O OE1  . GLN A 1 9  ? 16.393  -5.696  -4.673  1.00 8.52  ? 9  GLN A OE1  1 
ATOM 129 N NE2  . GLN A 1 9  ? 15.691  -7.298  -3.265  1.00 8.65  ? 9  GLN A NE2  1 
ATOM 130 H H    . GLN A 1 9  ? 11.185  -3.134  -5.927  1.00 4.50  ? 9  GLN A H    1 
ATOM 131 H HA   . GLN A 1 9  ? 11.608  -5.135  -4.931  1.00 5.59  ? 9  GLN A HA   1 
ATOM 132 H HB2  . GLN A 1 9  ? 13.796  -4.701  -6.146  1.00 6.58  ? 9  GLN A HB2  1 
ATOM 133 H HB3  . GLN A 1 9  ? 14.443  -4.151  -4.605  1.00 6.55  ? 9  GLN A HB3  1 
ATOM 134 H HG2  . GLN A 1 9  ? 13.389  -6.565  -3.925  1.00 7.15  ? 9  GLN A HG2  1 
ATOM 135 H HG3  . GLN A 1 9  ? 13.928  -6.860  -5.577  1.00 7.27  ? 9  GLN A HG3  1 
ATOM 136 H HE21 . GLN A 1 9  ? 14.921  -7.813  -2.944  1.00 8.46  ? 9  GLN A HE21 1 
ATOM 137 H HE22 . GLN A 1 9  ? 16.602  -7.417  -2.927  1.00 9.36  ? 9  GLN A HE22 1 
ATOM 138 N N    . LYS A 1 10 ? 11.279  -3.472  -2.639  1.00 4.31  ? 10 LYS A N    1 
ATOM 139 C CA   . LYS A 1 10 ? 11.121  -3.234  -1.217  1.00 4.37  ? 10 LYS A CA   1 
ATOM 140 C C    . LYS A 1 10 ? 10.233  -4.292  -0.568  1.00 4.08  ? 10 LYS A C    1 
ATOM 141 O O    . LYS A 1 10 ? 9.625   -4.042  0.471   1.00 4.54  ? 10 LYS A O    1 
ATOM 142 C CB   . LYS A 1 10 ? 10.534  -1.842  -0.977  1.00 4.46  ? 10 LYS A CB   1 
ATOM 143 C CG   . LYS A 1 10 ? 11.169  -1.108  0.193   1.00 5.62  ? 10 LYS A CG   1 
ATOM 144 C CD   . LYS A 1 10 ? 12.319  -0.223  -0.263  1.00 6.45  ? 10 LYS A CD   1 
ATOM 145 C CE   . LYS A 1 10 ? 13.632  -0.985  -0.285  1.00 7.39  ? 10 LYS A CE   1 
ATOM 146 N NZ   . LYS A 1 10 ? 13.983  -1.527  1.058   1.00 8.31  ? 10 LYS A NZ   1 
ATOM 147 H H    . LYS A 1 10 ? 10.648  -3.067  -3.252  1.00 4.13  ? 10 LYS A H    1 
ATOM 148 H HA   . LYS A 1 10 ? 12.096  -3.280  -0.781  1.00 5.13  ? 10 LYS A HA   1 
ATOM 149 H HB2  . LYS A 1 10 ? 10.676  -1.246  -1.867  1.00 4.34  ? 10 LYS A HB2  1 
ATOM 150 H HB3  . LYS A 1 10 ? 9.476   -1.938  -0.782  1.00 4.24  ? 10 LYS A HB3  1 
ATOM 151 H HG2  . LYS A 1 10 ? 10.421  -0.492  0.669   1.00 5.93  ? 10 LYS A HG2  1 
ATOM 152 H HG3  . LYS A 1 10 ? 11.543  -1.833  0.900   1.00 5.90  ? 10 LYS A HG3  1 
ATOM 153 H HD2  . LYS A 1 10 ? 12.107  0.139   -1.258  1.00 6.60  ? 10 LYS A HD2  1 
ATOM 154 H HD3  . LYS A 1 10 ? 12.406  0.613   0.415   1.00 6.54  ? 10 LYS A HD3  1 
ATOM 155 H HE2  . LYS A 1 10 ? 13.548  -1.805  -0.983  1.00 7.47  ? 10 LYS A HE2  1 
ATOM 156 H HE3  . LYS A 1 10 ? 14.416  -0.317  -0.609  1.00 7.58  ? 10 LYS A HE3  1 
ATOM 157 H HZ1  . LYS A 1 10 ? 15.012  -1.655  1.134   1.00 8.73  ? 10 LYS A HZ1  1 
ATOM 158 H HZ2  . LYS A 1 10 ? 13.519  -2.446  1.205   1.00 8.66  ? 10 LYS A HZ2  1 
ATOM 159 H HZ3  . LYS A 1 10 ? 13.669  -0.870  1.801   1.00 8.44  ? 10 LYS A HZ3  1 
ATOM 160 N N    . THR A 1 11 ? 10.161  -5.473  -1.182  1.00 3.87  ? 11 THR A N    1 
ATOM 161 C CA   . THR A 1 11 ? 9.345   -6.570  -0.663  1.00 4.20  ? 11 THR A CA   1 
ATOM 162 C C    . THR A 1 11 ? 7.861   -6.342  -0.965  1.00 3.95  ? 11 THR A C    1 
ATOM 163 O O    . THR A 1 11 ? 6.991   -6.964  -0.356  1.00 4.77  ? 11 THR A O    1 
ATOM 164 C CB   . THR A 1 11 ? 9.582   -6.755  0.847   1.00 5.33  ? 11 THR A CB   1 
ATOM 165 O OG1  . THR A 1 11 ? 9.698   -8.130  1.166   1.00 5.89  ? 11 THR A OG1  1 
ATOM 166 C CG2  . THR A 1 11 ? 8.497   -6.175  1.736   1.00 6.05  ? 11 THR A CG2  1 
ATOM 167 H H    . THR A 1 11 ? 10.667  -5.611  -2.009  1.00 3.90  ? 11 THR A H    1 
ATOM 168 H HA   . THR A 1 11 ? 9.658   -7.469  -1.173  1.00 4.31  ? 11 THR A HA   1 
ATOM 169 H HB   . THR A 1 11 ? 10.515  -6.274  1.111   1.00 5.61  ? 11 THR A HB   1 
ATOM 170 H HG1  . THR A 1 11 ? 10.597  -8.426  0.997   1.00 6.04  ? 11 THR A HG1  1 
ATOM 171 H HG21 . THR A 1 11 ? 8.924   -5.878  2.683   1.00 6.35  ? 11 THR A HG21 1 
ATOM 172 H HG22 . THR A 1 11 ? 7.732   -6.919  1.904   1.00 6.40  ? 11 THR A HG22 1 
ATOM 173 H HG23 . THR A 1 11 ? 8.058   -5.314  1.255   1.00 6.26  ? 11 THR A HG23 1 
ATOM 174 N N    . CYS A 1 12 ? 7.583   -5.451  -1.913  1.00 3.15  ? 12 CYS A N    1 
ATOM 175 C CA   . CYS A 1 12 ? 6.210   -5.147  -2.301  1.00 3.44  ? 12 CYS A CA   1 
ATOM 176 C C    . CYS A 1 12 ? 5.462   -4.451  -1.167  1.00 3.70  ? 12 CYS A C    1 
ATOM 177 O O    . CYS A 1 12 ? 4.303   -4.759  -0.890  1.00 4.45  ? 12 CYS A O    1 
ATOM 178 C CB   . CYS A 1 12 ? 5.478   -6.426  -2.719  1.00 4.07  ? 12 CYS A CB   1 
ATOM 179 S SG   . CYS A 1 12 ? 4.938   -6.433  -4.461  1.00 4.19  ? 12 CYS A SG   1 
ATOM 180 H H    . CYS A 1 12 ? 8.318   -4.991  -2.369  1.00 2.70  ? 12 CYS A H    1 
ATOM 181 H HA   . CYS A 1 12 ? 6.251   -4.475  -3.148  1.00 3.60  ? 12 CYS A HA   1 
ATOM 182 H HB2  . CYS A 1 12 ? 6.138   -7.269  -2.580  1.00 4.43  ? 12 CYS A HB2  1 
ATOM 183 H HB3  . CYS A 1 12 ? 4.602   -6.552  -2.102  1.00 4.65  ? 12 CYS A HB3  1 
ATOM 184 N N    . SER A 1 13 ? 6.133   -3.505  -0.518  1.00 3.48  ? 13 SER A N    1 
ATOM 185 C CA   . SER A 1 13 ? 5.532   -2.761  0.582   1.00 4.06  ? 13 SER A CA   1 
ATOM 186 C C    . SER A 1 13 ? 4.286   -2.015  0.115   1.00 3.61  ? 13 SER A C    1 
ATOM 187 O O    . SER A 1 13 ? 3.397   -1.709  0.912   1.00 3.91  ? 13 SER A O    1 
ATOM 188 C CB   . SER A 1 13 ? 6.543   -1.773  1.168   1.00 5.03  ? 13 SER A CB   1 
ATOM 189 O OG   . SER A 1 13 ? 7.135   -0.984  0.150   1.00 5.44  ? 13 SER A OG   1 
ATOM 190 H H    . SER A 1 13 ? 7.054   -3.303  -0.786  1.00 3.22  ? 13 SER A H    1 
ATOM 191 H HA   . SER A 1 13 ? 5.250   -3.468  1.346   1.00 4.48  ? 13 SER A HA   1 
ATOM 192 H HB2  . SER A 1 13 ? 6.040   -1.119  1.865   1.00 5.32  ? 13 SER A HB2  1 
ATOM 193 H HB3  . SER A 1 13 ? 7.319   -2.318  1.682   1.00 5.51  ? 13 SER A HB3  1 
ATOM 194 H HG   . SER A 1 13 ? 6.447   -0.586  -0.389  1.00 5.70  ? 13 SER A HG   1 
ATOM 195 N N    . CYS A 1 14 ? 4.224   -1.725  -1.183  1.00 3.25  ? 14 CYS A N    1 
ATOM 196 C CA   . CYS A 1 14 ? 3.086   -1.017  -1.754  1.00 3.49  ? 14 CYS A CA   1 
ATOM 197 C C    . CYS A 1 14 ? 1.784   -1.773  -1.495  1.00 3.10  ? 14 CYS A C    1 
ATOM 198 O O    . CYS A 1 14 ? 0.707   -1.179  -1.476  1.00 3.42  ? 14 CYS A O    1 
ATOM 199 C CB   . CYS A 1 14 ? 3.286   -0.822  -3.258  1.00 3.87  ? 14 CYS A CB   1 
ATOM 200 S SG   . CYS A 1 14 ? 4.651   0.306   -3.685  1.00 3.94  ? 14 CYS A SG   1 
ATOM 201 H H    . CYS A 1 14 ? 4.962   -1.995  -1.768  1.00 3.14  ? 14 CYS A H    1 
ATOM 202 H HA   . CYS A 1 14 ? 3.026   -0.049  -1.280  1.00 4.13  ? 14 CYS A HA   1 
ATOM 203 H HB2  . CYS A 1 14 ? 3.495   -1.777  -3.714  1.00 4.07  ? 14 CYS A HB2  1 
ATOM 204 H HB3  . CYS A 1 14 ? 2.379   -0.418  -3.685  1.00 4.45  ? 14 CYS A HB3  1 
ATOM 205 N N    . ARG A 1 15 ? 1.891   -3.085  -1.297  1.00 2.82  ? 15 ARG A N    1 
ATOM 206 C CA   . ARG A 1 15 ? 0.718   -3.915  -1.037  1.00 3.05  ? 15 ARG A CA   1 
ATOM 207 C C    . ARG A 1 15 ? -0.095  -3.357  0.126   1.00 2.88  ? 15 ARG A C    1 
ATOM 208 O O    . ARG A 1 15 ? -1.317  -3.233  0.040   1.00 2.95  ? 15 ARG A O    1 
ATOM 209 C CB   . ARG A 1 15 ? 1.142   -5.354  -0.735  1.00 3.75  ? 15 ARG A CB   1 
ATOM 210 C CG   . ARG A 1 15 ? 1.417   -6.180  -1.980  1.00 4.44  ? 15 ARG A CG   1 
ATOM 211 C CD   . ARG A 1 15 ? 0.224   -7.047  -2.351  1.00 5.34  ? 15 ARG A CD   1 
ATOM 212 N NE   . ARG A 1 15 ? -0.853  -6.267  -2.956  1.00 5.97  ? 15 ARG A NE   1 
ATOM 213 C CZ   . ARG A 1 15 ? -0.856  -5.868  -4.226  1.00 6.80  ? 15 ARG A CZ   1 
ATOM 214 N NH1  . ARG A 1 15 ? 0.158   -6.172  -5.028  1.00 7.11  ? 15 ARG A NH1  1 
ATOM 215 N NH2  . ARG A 1 15 ? -1.876  -5.164  -4.696  1.00 7.58  ? 15 ARG A NH2  1 
ATOM 216 H H    . ARG A 1 15 ? 2.775   -3.503  -1.323  1.00 2.82  ? 15 ARG A H    1 
ATOM 217 H HA   . ARG A 1 15 ? 0.105   -3.910  -1.926  1.00 3.40  ? 15 ARG A HA   1 
ATOM 218 H HB2  . ARG A 1 15 ? 2.040   -5.334  -0.136  1.00 3.88  ? 15 ARG A HB2  1 
ATOM 219 H HB3  . ARG A 1 15 ? 0.356   -5.837  -0.174  1.00 4.17  ? 15 ARG A HB3  1 
ATOM 220 H HG2  . ARG A 1 15 ? 1.634   -5.514  -2.802  1.00 4.59  ? 15 ARG A HG2  1 
ATOM 221 H HG3  . ARG A 1 15 ? 2.270   -6.817  -1.796  1.00 4.64  ? 15 ARG A HG3  1 
ATOM 222 H HD2  . ARG A 1 15 ? 0.548   -7.801  -3.052  1.00 5.64  ? 15 ARG A HD2  1 
ATOM 223 H HD3  . ARG A 1 15 ? -0.149  -7.525  -1.456  1.00 5.63  ? 15 ARG A HD3  1 
ATOM 224 H HE   . ARG A 1 15 ? -1.614  -6.029  -2.388  1.00 6.01  ? 15 ARG A HE   1 
ATOM 225 H HH11 . ARG A 1 15 ? 0.930   -6.703  -4.679  1.00 6.75  ? 15 ARG A HH11 1 
ATOM 226 H HH12 . ARG A 1 15 ? 0.150   -5.868  -5.980  1.00 7.87  ? 15 ARG A HH12 1 
ATOM 227 H HH21 . ARG A 1 15 ? -2.643  -4.933  -4.097  1.00 7.60  ? 15 ARG A HH21 1 
ATOM 228 H HH22 . ARG A 1 15 ? -1.879  -4.863  -5.650  1.00 8.29  ? 15 ARG A HH22 1 
ATOM 229 N N    . LEU A 1 16 ? 0.592   -3.016  1.209   1.00 3.12  ? 16 LEU A N    1 
ATOM 230 C CA   . LEU A 1 16 ? -0.066  -2.462  2.386   1.00 3.69  ? 16 LEU A CA   1 
ATOM 231 C C    . LEU A 1 16 ? -0.550  -1.045  2.109   1.00 3.70  ? 16 LEU A C    1 
ATOM 232 O O    . LEU A 1 16 ? -1.640  -0.656  2.527   1.00 3.89  ? 16 LEU A O    1 
ATOM 233 C CB   . LEU A 1 16 ? 0.889   -2.462  3.582   1.00 4.63  ? 16 LEU A CB   1 
ATOM 234 C CG   . LEU A 1 16 ? 1.406   -3.840  4.003   1.00 5.61  ? 16 LEU A CG   1 
ATOM 235 C CD1  . LEU A 1 16 ? 2.796   -4.086  3.440   1.00 6.29  ? 16 LEU A CD1  1 
ATOM 236 C CD2  . LEU A 1 16 ? 1.412   -3.965  5.521   1.00 6.33  ? 16 LEU A CD2  1 
ATOM 237 H H    . LEU A 1 16 ? 1.565   -3.134  1.218   1.00 3.20  ? 16 LEU A H    1 
ATOM 238 H HA   . LEU A 1 16 ? -0.918  -3.085  2.616   1.00 3.85  ? 16 LEU A HA   1 
ATOM 239 H HB2  . LEU A 1 16 ? 1.738   -1.841  3.337   1.00 4.63  ? 16 LEU A HB2  1 
ATOM 240 H HB3  . LEU A 1 16 ? 0.375   -2.022  4.424   1.00 4.93  ? 16 LEU A HB3  1 
ATOM 241 H HG   . LEU A 1 16 ? 0.746   -4.600  3.608   1.00 5.67  ? 16 LEU A HG   1 
ATOM 242 H HD11 . LEU A 1 16 ? 3.531   -3.944  4.219   1.00 6.60  ? 16 LEU A HD11 1 
ATOM 243 H HD12 . LEU A 1 16 ? 2.987   -3.390  2.635   1.00 6.60  ? 16 LEU A HD12 1 
ATOM 244 H HD13 . LEU A 1 16 ? 2.860   -5.096  3.065   1.00 6.49  ? 16 LEU A HD13 1 
ATOM 245 H HD21 . LEU A 1 16 ? 0.399   -3.926  5.891   1.00 6.60  ? 16 LEU A HD21 1 
ATOM 246 H HD22 . LEU A 1 16 ? 1.983   -3.152  5.946   1.00 6.71  ? 16 LEU A HD22 1 
ATOM 247 H HD23 . LEU A 1 16 ? 1.863   -4.906  5.802   1.00 6.53  ? 16 LEU A HD23 1 
ATOM 248 N N    . TYR A 1 17 ? 0.271   -0.279  1.394   1.00 3.87  ? 17 TYR A N    1 
ATOM 249 C CA   . TYR A 1 17 ? -0.072  1.098   1.055   1.00 4.56  ? 17 TYR A CA   1 
ATOM 250 C C    . TYR A 1 17 ? -1.165  1.150   -0.010  1.00 4.27  ? 17 TYR A C    1 
ATOM 251 O O    . TYR A 1 17 ? -1.755  2.202   -0.257  1.00 4.95  ? 17 TYR A O    1 
ATOM 252 C CB   . TYR A 1 17 ? 1.170   1.846   0.566   1.00 5.35  ? 17 TYR A CB   1 
ATOM 253 C CG   . TYR A 1 17 ? 1.944   2.522   1.675   1.00 6.48  ? 17 TYR A CG   1 
ATOM 254 C CD1  . TYR A 1 17 ? 1.547   3.756   2.174   1.00 7.11  ? 17 TYR A CD1  1 
ATOM 255 C CD2  . TYR A 1 17 ? 3.073   1.926   2.222   1.00 7.20  ? 17 TYR A CD2  1 
ATOM 256 C CE1  . TYR A 1 17 ? 2.253   4.377   3.186   1.00 8.27  ? 17 TYR A CE1  1 
ATOM 257 C CE2  . TYR A 1 17 ? 3.785   2.542   3.236   1.00 8.35  ? 17 TYR A CE2  1 
ATOM 258 C CZ   . TYR A 1 17 ? 3.369   3.766   3.714   1.00 8.82  ? 17 TYR A CZ   1 
ATOM 259 O OH   . TYR A 1 17 ? 4.075   4.383   4.722   1.00 10.05 ? 17 TYR A OH   1 
ATOM 260 H H    . TYR A 1 17 ? 1.125   -0.650  1.089   1.00 3.75  ? 17 TYR A H    1 
ATOM 261 H HA   . TYR A 1 17 ? -0.440  1.572   1.946   1.00 5.04  ? 17 TYR A HA   1 
ATOM 262 H HB2  . TYR A 1 17 ? 1.833   1.148   0.077   1.00 5.11  ? 17 TYR A HB2  1 
ATOM 263 H HB3  . TYR A 1 17 ? 0.867   2.605   -0.141  1.00 5.59  ? 17 TYR A HB3  1 
ATOM 264 H HD1  . TYR A 1 17 ? 0.670   4.231   1.759   1.00 6.87  ? 17 TYR A HD1  1 
ATOM 265 H HD2  . TYR A 1 17 ? 3.397   0.966   1.847   1.00 7.03  ? 17 TYR A HD2  1 
ATOM 266 H HE1  . TYR A 1 17 ? 1.927   5.338   3.560   1.00 8.87  ? 17 TYR A HE1  1 
ATOM 267 H HE2  . TYR A 1 17 ? 4.661   2.063   3.648   1.00 9.02  ? 17 TYR A HE2  1 
ATOM 268 H HH   . TYR A 1 17 ? 3.542   4.404   5.519   1.00 10.44 ? 17 TYR A HH   1 
ATOM 269 N N    . GLU A 1 18 ? -1.429  0.010   -0.636  1.00 3.58  ? 18 GLU A N    1 
ATOM 270 C CA   . GLU A 1 18 ? -2.452  -0.076  -1.671  1.00 3.85  ? 18 GLU A CA   1 
ATOM 271 C C    . GLU A 1 18 ? -3.843  -0.146  -1.052  1.00 3.50  ? 18 GLU A C    1 
ATOM 272 O O    . GLU A 1 18 ? -4.713  0.669   -1.362  1.00 3.97  ? 18 GLU A O    1 
ATOM 273 C CB   . GLU A 1 18 ? -2.210  -1.301  -2.557  1.00 4.01  ? 18 GLU A CB   1 
ATOM 274 C CG   . GLU A 1 18 ? -1.339  -1.008  -3.768  1.00 5.07  ? 18 GLU A CG   1 
ATOM 275 C CD   . GLU A 1 18 ? -1.425  -2.094  -4.823  1.00 5.76  ? 18 GLU A CD   1 
ATOM 276 O OE1  . GLU A 1 18 ? -2.549  -2.559  -5.107  1.00 6.16  ? 18 GLU A OE1  1 
ATOM 277 O OE2  . GLU A 1 18 ? -0.369  -2.476  -5.368  1.00 6.26  ? 18 GLU A OE2  1 
ATOM 278 H H    . GLU A 1 18 ? -0.928  -0.794  -0.393  1.00 3.18  ? 18 GLU A H    1 
ATOM 279 H HA   . GLU A 1 18 ? -2.384  0.813   -2.278  1.00 4.60  ? 18 GLU A HA   1 
ATOM 280 H HB2  . GLU A 1 18 ? -1.727  -2.065  -1.968  1.00 3.74  ? 18 GLU A HB2  1 
ATOM 281 H HB3  . GLU A 1 18 ? -3.161  -1.672  -2.905  1.00 4.02  ? 18 GLU A HB3  1 
ATOM 282 H HG2  . GLU A 1 18 ? -1.656  -0.074  -4.208  1.00 5.45  ? 18 GLU A HG2  1 
ATOM 283 H HG3  . GLU A 1 18 ? -0.312  -0.921  -3.445  1.00 5.35  ? 18 GLU A HG3  1 
ATOM 284 N N    . LEU A 1 19 ? -4.045  -1.118  -0.173  1.00 2.98  ? 19 LEU A N    1 
ATOM 285 C CA   . LEU A 1 19 ? -5.329  -1.289  0.496   1.00 3.03  ? 19 LEU A CA   1 
ATOM 286 C C    . LEU A 1 19 ? -5.597  -0.137  1.462   1.00 3.19  ? 19 LEU A C    1 
ATOM 287 O O    . LEU A 1 19 ? -6.736  0.087   1.875   1.00 3.34  ? 19 LEU A O    1 
ATOM 288 C CB   . LEU A 1 19 ? -5.365  -2.620  1.248   1.00 3.46  ? 19 LEU A CB   1 
ATOM 289 C CG   . LEU A 1 19 ? -5.669  -3.846  0.385   1.00 4.09  ? 19 LEU A CG   1 
ATOM 290 C CD1  . LEU A 1 19 ? -4.382  -4.449  -0.157  1.00 4.61  ? 19 LEU A CD1  1 
ATOM 291 C CD2  . LEU A 1 19 ? -6.451  -4.878  1.182   1.00 4.74  ? 19 LEU A CD2  1 
ATOM 292 H H    . LEU A 1 19 ? -3.312  -1.734  0.036   1.00 2.84  ? 19 LEU A H    1 
ATOM 293 H HA   . LEU A 1 19 ? -6.100  -1.295  -0.261  1.00 3.27  ? 19 LEU A HA   1 
ATOM 294 H HB2  . LEU A 1 19 ? -4.403  -2.767  1.720   1.00 3.58  ? 19 LEU A HB2  1 
ATOM 295 H HB3  . LEU A 1 19 ? -6.117  -2.554  2.019   1.00 3.72  ? 19 LEU A HB3  1 
ATOM 296 H HG   . LEU A 1 19 ? -6.274  -3.540  -0.457  1.00 4.28  ? 19 LEU A HG   1 
ATOM 297 H HD11 . LEU A 1 19 ? -3.687  -4.600  0.655   1.00 4.88  ? 19 LEU A HD11 1 
ATOM 298 H HD12 . LEU A 1 19 ? -3.949  -3.778  -0.884  1.00 4.77  ? 19 LEU A HD12 1 
ATOM 299 H HD13 . LEU A 1 19 ? -4.599  -5.397  -0.625  1.00 5.02  ? 19 LEU A HD13 1 
ATOM 300 H HD21 . LEU A 1 19 ? -6.198  -4.791  2.229   1.00 4.92  ? 19 LEU A HD21 1 
ATOM 301 H HD22 . LEU A 1 19 ? -6.201  -5.868  0.832   1.00 5.20  ? 19 LEU A HD22 1 
ATOM 302 H HD23 . LEU A 1 19 ? -7.510  -4.707  1.051   1.00 5.02  ? 19 LEU A HD23 1 
ATOM 303 N N    . LEU A 1 20 ? -4.543  0.592   1.821   1.00 3.57  ? 20 LEU A N    1 
ATOM 304 C CA   . LEU A 1 20 ? -4.670  1.719   2.737   1.00 4.40  ? 20 LEU A CA   1 
ATOM 305 C C    . LEU A 1 20 ? -5.178  2.964   2.014   1.00 4.77  ? 20 LEU A C    1 
ATOM 306 O O    . LEU A 1 20 ? -5.927  3.757   2.580   1.00 5.14  ? 20 LEU A O    1 
ATOM 307 C CB   . LEU A 1 20 ? -3.322  2.015   3.402   1.00 5.25  ? 20 LEU A CB   1 
ATOM 308 C CG   . LEU A 1 20 ? -2.895  1.011   4.473   1.00 6.12  ? 20 LEU A CG   1 
ATOM 309 C CD1  . LEU A 1 20 ? -1.408  1.140   4.765   1.00 6.63  ? 20 LEU A CD1  1 
ATOM 310 C CD2  . LEU A 1 20 ? -3.707  1.212   5.745   1.00 6.95  ? 20 LEU A CD2  1 
ATOM 311 H H    . LEU A 1 20 ? -3.660  0.368   1.461   1.00 3.50  ? 20 LEU A H    1 
ATOM 312 H HA   . LEU A 1 20 ? -5.383  1.446   3.501   1.00 4.48  ? 20 LEU A HA   1 
ATOM 313 H HB2  . LEU A 1 20 ? -2.564  2.037   2.634   1.00 5.02  ? 20 LEU A HB2  1 
ATOM 314 H HB3  . LEU A 1 20 ? -3.378  2.993   3.857   1.00 5.74  ? 20 LEU A HB3  1 
ATOM 315 H HG   . LEU A 1 20 ? -3.080  0.009   4.114   1.00 6.13  ? 20 LEU A HG   1 
ATOM 316 H HD11 . LEU A 1 20 ? -1.224  2.058   5.302   1.00 7.01  ? 20 LEU A HD11 1 
ATOM 317 H HD12 . LEU A 1 20 ? -0.860  1.153   3.834   1.00 6.74  ? 20 LEU A HD12 1 
ATOM 318 H HD13 . LEU A 1 20 ? -1.085  0.301   5.361   1.00 6.84  ? 20 LEU A HD13 1 
ATOM 319 H HD21 . LEU A 1 20 ? -3.104  0.953   6.602   1.00 7.22  ? 20 LEU A HD21 1 
ATOM 320 H HD22 . LEU A 1 20 ? -4.582  0.580   5.716   1.00 7.23  ? 20 LEU A HD22 1 
ATOM 321 H HD23 . LEU A 1 20 ? -4.011  2.246   5.818   1.00 7.30  ? 20 LEU A HD23 1 
ATOM 322 N N    . HIS A 1 21 ? -4.766  3.127   0.759   1.00 4.96  ? 21 HIS A N    1 
ATOM 323 C CA   . HIS A 1 21 ? -5.187  4.279   -0.033  1.00 5.80  ? 21 HIS A CA   1 
ATOM 324 C C    . HIS A 1 21 ? -6.347  3.915   -0.958  1.00 5.63  ? 21 HIS A C    1 
ATOM 325 O O    . HIS A 1 21 ? -7.297  4.684   -1.112  1.00 6.37  ? 21 HIS A O    1 
ATOM 326 C CB   . HIS A 1 21 ? -4.006  4.833   -0.845  1.00 6.46  ? 21 HIS A CB   1 
ATOM 327 C CG   . HIS A 1 21 ? -3.777  4.135   -2.154  1.00 7.53  ? 21 HIS A CG   1 
ATOM 328 N ND1  . HIS A 1 21 ? -2.695  3.315   -2.393  1.00 8.12  ? 21 HIS A ND1  1 
ATOM 329 C CD2  . HIS A 1 21 ? -4.498  4.148   -3.301  1.00 8.35  ? 21 HIS A CD2  1 
ATOM 330 C CE1  . HIS A 1 21 ? -2.761  2.853   -3.629  1.00 9.16  ? 21 HIS A CE1  1 
ATOM 331 N NE2  . HIS A 1 21 ? -3.844  3.343   -4.200  1.00 9.30  ? 21 HIS A NE2  1 
ATOM 332 H H    . HIS A 1 21 ? -4.169  2.462   0.359   1.00 4.70  ? 21 HIS A H    1 
ATOM 333 H HA   . HIS A 1 21 ? -5.523  5.041   0.653   1.00 6.38  ? 21 HIS A HA   1 
ATOM 334 H HB2  . HIS A 1 21 ? -4.184  5.876   -1.055  1.00 6.21  ? 21 HIS A HB2  1 
ATOM 335 H HB3  . HIS A 1 21 ? -3.104  4.739   -0.257  1.00 6.64  ? 21 HIS A HB3  1 
ATOM 336 H HD1  . HIS A 1 21 ? -1.986  3.102   -1.751  1.00 7.96  ? 21 HIS A HD1  1 
ATOM 337 H HD2  . HIS A 1 21 ? -5.416  4.691   -3.476  1.00 8.42  ? 21 HIS A HD2  1 
ATOM 338 H HE1  . HIS A 1 21 ? -2.047  2.187   -4.093  1.00 9.90  ? 21 HIS A HE1  1 
ATOM 339 H HE2  . HIS A 1 21 ? -4.081  3.236   -5.146  1.00 10.08 ? 21 HIS A HE2  1 
ATOM 340 N N    . GLY A 1 22 ? -6.265  2.737   -1.568  1.00 4.92  ? 22 GLY A N    1 
ATOM 341 C CA   . GLY A 1 22 ? -7.314  2.292   -2.467  1.00 5.08  ? 22 GLY A CA   1 
ATOM 342 C C    . GLY A 1 22 ? -8.536  1.783   -1.729  1.00 4.40  ? 22 GLY A C    1 
ATOM 343 O O    . GLY A 1 22 ? -9.625  2.346   -1.853  1.00 4.95  ? 22 GLY A O    1 
ATOM 344 H H    . GLY A 1 22 ? -5.486  2.165   -1.407  1.00 4.53  ? 22 GLY A H    1 
ATOM 345 H HA2  . GLY A 1 22 ? -7.607  3.121   -3.097  1.00 5.65  ? 22 GLY A HA2  1 
ATOM 346 H HA3  . GLY A 1 22 ? -6.926  1.500   -3.091  1.00 5.45  ? 22 GLY A HA3  1 
ATOM 347 N N    . ALA A 1 23 ? -8.357  0.715   -0.960  1.00 3.55  ? 23 ALA A N    1 
ATOM 348 C CA   . ALA A 1 23 ? -9.454  0.128   -0.198  1.00 3.20  ? 23 ALA A CA   1 
ATOM 349 C C    . ALA A 1 23 ? -9.367  0.518   1.273   1.00 2.87  ? 23 ALA A C    1 
ATOM 350 O O    . ALA A 1 23 ? -9.677  -0.280  2.157   1.00 3.20  ? 23 ALA A O    1 
ATOM 351 C CB   . ALA A 1 23 ? -9.450  -1.386  -0.346  1.00 3.70  ? 23 ALA A CB   1 
ATOM 352 H H    . ALA A 1 23 ? -7.466  0.310   -0.903  1.00 3.50  ? 23 ALA A H    1 
ATOM 353 H HA   . ALA A 1 23 ? -10.381 0.505   -0.604  1.00 3.50  ? 23 ALA A HA   1 
ATOM 354 H HB1  . ALA A 1 23 ? -8.788  -1.817  0.390   1.00 3.97  ? 23 ALA A HB1  1 
ATOM 355 H HB2  . ALA A 1 23 ? -9.109  -1.649  -1.337  1.00 4.07  ? 23 ALA A HB2  1 
ATOM 356 H HB3  . ALA A 1 23 ? -10.449 -1.765  -0.197  1.00 4.01  ? 23 ALA A HB3  1 
ATOM 357 N N    . GLY A 1 24 ? -8.939  1.749   1.531   1.00 2.89  ? 24 GLY A N    1 
ATOM 358 C CA   . GLY A 1 24 ? -8.816  2.225   2.893   1.00 3.16  ? 24 GLY A CA   1 
ATOM 359 C C    . GLY A 1 24 ? -9.984  3.093   3.313   1.00 2.62  ? 24 GLY A C    1 
ATOM 360 O O    . GLY A 1 24 ? -9.809  4.066   4.045   1.00 2.27  ? 24 GLY A O    1 
ATOM 361 H H    . GLY A 1 24 ? -8.705  2.341   0.786   1.00 3.17  ? 24 GLY A H    1 
ATOM 362 H HA2  . GLY A 1 24 ? -8.759  1.373   3.556   1.00 3.55  ? 24 GLY A HA2  1 
ATOM 363 H HA3  . GLY A 1 24 ? -7.905  2.798   2.983   1.00 3.89  ? 24 GLY A HA3  1 
ATOM 364 N N    . ASN A 1 25 ? -11.180 2.737   2.852   1.00 3.16  ? 25 ASN A N    1 
ATOM 365 C CA   . ASN A 1 25 ? -12.383 3.490   3.187   1.00 3.34  ? 25 ASN A CA   1 
ATOM 366 C C    . ASN A 1 25 ? -12.525 3.643   4.700   1.00 3.02  ? 25 ASN A C    1 
ATOM 367 O O    . ASN A 1 25 ? -13.164 4.577   5.183   1.00 3.12  ? 25 ASN A O    1 
ATOM 368 C CB   . ASN A 1 25 ? -13.621 2.797   2.614   1.00 4.61  ? 25 ASN A CB   1 
ATOM 369 C CG   . ASN A 1 25 ? -14.609 3.780   2.018   1.00 5.37  ? 25 ASN A CG   1 
ATOM 370 O OD1  . ASN A 1 25 ? -15.183 3.537   0.956   1.00 5.66  ? 25 ASN A OD1  1 
ATOM 371 N ND2  . ASN A 1 25 ? -14.813 4.900   2.701   1.00 6.10  ? 25 ASN A ND2  1 
ATOM 372 H H    . ASN A 1 25 ? -11.254 1.948   2.275   1.00 3.77  ? 25 ASN A H    1 
ATOM 373 H HA   . ASN A 1 25 ? -12.294 4.471   2.746   1.00 3.33  ? 25 ASN A HA   1 
ATOM 374 H HB2  . ASN A 1 25 ? -13.314 2.112   1.837   1.00 5.01  ? 25 ASN A HB2  1 
ATOM 375 H HB3  . ASN A 1 25 ? -14.115 2.246   3.400   1.00 4.95  ? 25 ASN A HB3  1 
ATOM 376 H HD21 . ASN A 1 25 ? -14.322 5.027   3.540   1.00 6.13  ? 25 ASN A HD21 1 
ATOM 377 H HD22 . ASN A 1 25 ? -15.449 5.555   2.341   1.00 6.77  ? 25 ASN A HD22 1 
ATOM 378 N N    . HIS A 1 26 ? -11.921 2.718   5.441   1.00 3.21  ? 26 HIS A N    1 
ATOM 379 C CA   . HIS A 1 26 ? -11.977 2.751   6.898   1.00 3.77  ? 26 HIS A CA   1 
ATOM 380 C C    . HIS A 1 26 ? -10.913 3.688   7.460   1.00 3.53  ? 26 HIS A C    1 
ATOM 381 O O    . HIS A 1 26 ? -11.120 4.330   8.490   1.00 4.27  ? 26 HIS A O    1 
ATOM 382 C CB   . HIS A 1 26 ? -11.789 1.342   7.467   1.00 4.44  ? 26 HIS A CB   1 
ATOM 383 C CG   . HIS A 1 26 ? -12.643 0.311   6.800   1.00 5.44  ? 26 HIS A CG   1 
ATOM 384 N ND1  . HIS A 1 26 ? -12.131 -0.677  5.984   1.00 6.16  ? 26 HIS A ND1  1 
ATOM 385 C CD2  . HIS A 1 26 ? -13.982 0.116   6.827   1.00 6.15  ? 26 HIS A CD2  1 
ATOM 386 C CE1  . HIS A 1 26 ? -13.118 -1.433  5.537   1.00 7.13  ? 26 HIS A CE1  1 
ATOM 387 N NE2  . HIS A 1 26 ? -14.252 -0.974  6.036   1.00 7.15  ? 26 HIS A NE2  1 
ATOM 388 H H    . HIS A 1 26 ? -11.424 1.999   4.998   1.00 3.33  ? 26 HIS A H    1 
ATOM 389 H HA   . HIS A 1 26 ? -12.952 3.118   7.184   1.00 4.38  ? 26 HIS A HA   1 
ATOM 390 H HB2  . HIS A 1 26 ? -10.757 1.048   7.348   1.00 4.46  ? 26 HIS A HB2  1 
ATOM 391 H HB3  . HIS A 1 26 ? -12.037 1.352   8.518   1.00 4.56  ? 26 HIS A HB3  1 
ATOM 392 H HD1  . HIS A 1 26 ? -11.184 -0.804  5.765   1.00 6.16  ? 26 HIS A HD1  1 
ATOM 393 H HD2  . HIS A 1 26 ? -14.706 0.708   7.370   1.00 6.18  ? 26 HIS A HD2  1 
ATOM 394 H HE1  . HIS A 1 26 ? -13.016 -2.283  4.881   1.00 7.94  ? 26 HIS A HE1  1 
ATOM 395 H HE2  . HIS A 1 26 ? -15.146 -1.278  5.772   1.00 7.90  ? 26 HIS A HE2  1 
ATOM 396 N N    . ALA A 1 27 ? -9.776  3.762   6.776   1.00 2.99  ? 27 ALA A N    1 
ATOM 397 C CA   . ALA A 1 27 ? -8.683  4.624   7.206   1.00 3.54  ? 27 ALA A CA   1 
ATOM 398 C C    . ALA A 1 27 ? -8.953  6.078   6.833   1.00 3.33  ? 27 ALA A C    1 
ATOM 399 O O    . ALA A 1 27 ? -8.725  6.987   7.630   1.00 4.11  ? 27 ALA A O    1 
ATOM 400 C CB   . ALA A 1 27 ? -7.370  4.156   6.596   1.00 3.91  ? 27 ALA A CB   1 
ATOM 401 H H    . ALA A 1 27 ? -9.673  3.228   5.961   1.00 2.63  ? 27 ALA A H    1 
ATOM 402 H HA   . ALA A 1 27 ? -8.600  4.549   8.282   1.00 4.34  ? 27 ALA A HA   1 
ATOM 403 H HB1  . ALA A 1 27 ? -7.455  3.117   6.312   1.00 4.18  ? 27 ALA A HB1  1 
ATOM 404 H HB2  . ALA A 1 27 ? -6.576  4.266   7.319   1.00 4.09  ? 27 ALA A HB2  1 
ATOM 405 H HB3  . ALA A 1 27 ? -7.147  4.750   5.722   1.00 4.23  ? 27 ALA A HB3  1 
ATOM 406 N N    . ALA A 1 28 ? -9.443  6.286   5.616   1.00 2.64  ? 28 ALA A N    1 
ATOM 407 C CA   . ALA A 1 28 ? -9.749  7.628   5.134   1.00 2.96  ? 28 ALA A CA   1 
ATOM 408 C C    . ALA A 1 28 ? -10.820 8.287   5.994   1.00 3.03  ? 28 ALA A C    1 
ATOM 409 O O    . ALA A 1 28 ? -10.693 9.447   6.384   1.00 3.55  ? 28 ALA A O    1 
ATOM 410 C CB   . ALA A 1 28 ? -10.194 7.578   3.680   1.00 3.18  ? 28 ALA A CB   1 
ATOM 411 H H    . ALA A 1 28 ? -9.604  5.520   5.028   1.00 2.27  ? 28 ALA A H    1 
ATOM 412 H HA   . ALA A 1 28 ? -8.844  8.217   5.189   1.00 3.66  ? 28 ALA A HA   1 
ATOM 413 H HB1  . ALA A 1 28 ? -10.646 8.521   3.410   1.00 3.43  ? 28 ALA A HB1  1 
ATOM 414 H HB2  . ALA A 1 28 ? -10.914 6.783   3.550   1.00 3.40  ? 28 ALA A HB2  1 
ATOM 415 H HB3  . ALA A 1 28 ? -9.337  7.393   3.048   1.00 3.57  ? 28 ALA A HB3  1 
ATOM 416 N N    . GLY A 1 29 ? -11.879 7.538   6.288   1.00 3.01  ? 29 GLY A N    1 
ATOM 417 C CA   . GLY A 1 29 ? -12.959 8.066   7.103   1.00 3.73  ? 29 GLY A CA   1 
ATOM 418 C C    . GLY A 1 29 ? -12.481 8.559   8.455   1.00 4.27  ? 29 GLY A C    1 
ATOM 419 O O    . GLY A 1 29 ? -13.084 9.457   9.043   1.00 4.94  ? 29 GLY A O    1 
ATOM 420 H H    . GLY A 1 29 ? -11.927 6.618   5.951   1.00 2.84  ? 29 GLY A H    1 
ATOM 421 H HA2  . GLY A 1 29 ? -13.424 8.886   6.576   1.00 3.97  ? 29 GLY A HA2  1 
ATOM 422 H HA3  . GLY A 1 29 ? -13.693 7.287   7.255   1.00 4.13  ? 29 GLY A HA3  1 
ATOM 423 N N    . ILE A 1 30 ? -11.396 7.972   8.948   1.00 4.35  ? 30 ILE A N    1 
ATOM 424 C CA   . ILE A 1 30 ? -10.839 8.357   10.238  1.00 5.35  ? 30 ILE A CA   1 
ATOM 425 C C    . ILE A 1 30 ? -9.852  9.512   10.087  1.00 5.61  ? 30 ILE A C    1 
ATOM 426 O O    . ILE A 1 30 ? -9.695  10.329  10.993  1.00 6.45  ? 30 ILE A O    1 
ATOM 427 C CB   . ILE A 1 30 ? -10.123 7.174   10.922  1.00 6.08  ? 30 ILE A CB   1 
ATOM 428 C CG1  . ILE A 1 30 ? -11.027 5.940   10.930  1.00 6.77  ? 30 ILE A CG1  1 
ATOM 429 C CG2  . ILE A 1 30 ? -9.715  7.547   12.338  1.00 6.80  ? 30 ILE A CG2  1 
ATOM 430 C CD1  . ILE A 1 30 ? -10.269 4.639   11.075  1.00 7.30  ? 30 ILE A CD1  1 
ATOM 431 H H    . ILE A 1 30 ? -10.960 7.262   8.433   1.00 3.93  ? 30 ILE A H    1 
ATOM 432 H HA   . ILE A 1 30 ? -11.652 8.674   10.873  1.00 5.76  ? 30 ILE A HA   1 
ATOM 433 H HB   . ILE A 1 30 ? -9.228  6.952   10.360  1.00 5.91  ? 30 ILE A HB   1 
ATOM 434 H HG12 . ILE A 1 30 ? -11.720 6.013   11.756  1.00 7.33  ? 30 ILE A HG12 1 
ATOM 435 H HG13 . ILE A 1 30 ? -11.580 5.900   10.003  1.00 6.68  ? 30 ILE A HG13 1 
ATOM 436 H HG21 . ILE A 1 30 ? -9.665  6.655   12.944  1.00 7.09  ? 30 ILE A HG21 1 
ATOM 437 H HG22 . ILE A 1 30 ? -10.443 8.227   12.756  1.00 7.11  ? 30 ILE A HG22 1 
ATOM 438 H HG23 . ILE A 1 30 ? -8.747  8.025   12.320  1.00 7.04  ? 30 ILE A HG23 1 
ATOM 439 H HD11 . ILE A 1 30 ? -9.512  4.574   10.309  1.00 7.25  ? 30 ILE A HD11 1 
ATOM 440 H HD12 . ILE A 1 30 ? -10.954 3.811   10.976  1.00 7.62  ? 30 ILE A HD12 1 
ATOM 441 H HD13 . ILE A 1 30 ? -9.798  4.603   12.048  1.00 7.69  ? 30 ILE A HD13 1 
ATOM 442 N N    . LEU A 1 31 ? -9.193  9.572   8.936   1.00 5.17  ? 31 LEU A N    1 
ATOM 443 C CA   . LEU A 1 31 ? -8.225  10.629  8.664   1.00 5.76  ? 31 LEU A CA   1 
ATOM 444 C C    . LEU A 1 31 ? -8.921  11.943  8.313   1.00 5.42  ? 31 LEU A C    1 
ATOM 445 O O    . LEU A 1 31 ? -8.274  12.978  8.168   1.00 6.08  ? 31 LEU A O    1 
ATOM 446 C CB   . LEU A 1 31 ? -7.291  10.211  7.525   1.00 6.52  ? 31 LEU A CB   1 
ATOM 447 C CG   . LEU A 1 31 ? -6.261  11.265  7.111   1.00 7.36  ? 31 LEU A CG   1 
ATOM 448 C CD1  . LEU A 1 31 ? -4.970  10.602  6.660   1.00 8.01  ? 31 LEU A CD1  1 
ATOM 449 C CD2  . LEU A 1 31 ? -6.821  12.148  6.007   1.00 8.09  ? 31 LEU A CD2  1 
ATOM 450 H H    . LEU A 1 31 ? -9.362  8.893   8.250   1.00 4.63  ? 31 LEU A H    1 
ATOM 451 H HA   . LEU A 1 31 ? -7.641  10.777  9.559   1.00 6.31  ? 31 LEU A HA   1 
ATOM 452 H HB2  . LEU A 1 31 ? -6.761  9.320   7.832   1.00 6.60  ? 31 LEU A HB2  1 
ATOM 453 H HB3  . LEU A 1 31 ? -7.894  9.971   6.663   1.00 6.69  ? 31 LEU A HB3  1 
ATOM 454 H HG   . LEU A 1 31 ? -6.036  11.892  7.962   1.00 7.29  ? 31 LEU A HG   1 
ATOM 455 H HD11 . LEU A 1 31 ? -4.901  9.615   7.094   1.00 8.21  ? 31 LEU A HD11 1 
ATOM 456 H HD12 . LEU A 1 31 ? -4.127  11.196  6.984   1.00 8.25  ? 31 LEU A HD12 1 
ATOM 457 H HD13 . LEU A 1 31 ? -4.962  10.522  5.584   1.00 8.30  ? 31 LEU A HD13 1 
ATOM 458 H HD21 . LEU A 1 31 ? -6.479  11.785  5.048   1.00 8.47  ? 31 LEU A HD21 1 
ATOM 459 H HD22 . LEU A 1 31 ? -6.479  13.164  6.151   1.00 8.29  ? 31 LEU A HD22 1 
ATOM 460 H HD23 . LEU A 1 31 ? -7.899  12.125  6.039   1.00 8.27  ? 31 LEU A HD23 1 
ATOM 461 N N    . THR A 1 32 ? -10.243 11.896  8.176   1.00 4.75  ? 32 THR A N    1 
ATOM 462 C CA   . THR A 1 32 ? -11.021 13.084  7.844   1.00 4.91  ? 32 THR A CA   1 
ATOM 463 C C    . THR A 1 32 ? -11.648 13.696  9.092   1.00 5.46  ? 32 THR A C    1 
ATOM 464 O O    . THR A 1 32 ? -12.698 14.334  9.022   1.00 5.80  ? 32 THR A O    1 
ATOM 465 C CB   . THR A 1 32 ? -12.113 12.735  6.830   1.00 5.15  ? 32 THR A CB   1 
ATOM 466 O OG1  . THR A 1 32 ? -11.563 12.060  5.712   1.00 5.52  ? 32 THR A OG1  1 
ATOM 467 C CG2  . THR A 1 32 ? -12.859 13.945  6.312   1.00 5.77  ? 32 THR A CG2  1 
ATOM 468 H H    . THR A 1 32 ? -10.708 11.043  8.305   1.00 4.44  ? 32 THR A H    1 
ATOM 469 H HA   . THR A 1 32 ? -10.350 13.805  7.401   1.00 5.01  ? 32 THR A HA   1 
ATOM 470 H HB   . THR A 1 32 ? -12.832 12.080  7.303   1.00 5.13  ? 32 THR A HB   1 
ATOM 471 H HG1  . THR A 1 32 ? -11.020 12.667  5.206   1.00 5.59  ? 32 THR A HG1  1 
ATOM 472 H HG21 . THR A 1 32 ? -12.181 14.782  6.238   1.00 6.02  ? 32 THR A HG21 1 
ATOM 473 H HG22 . THR A 1 32 ? -13.662 14.191  6.992   1.00 6.04  ? 32 THR A HG22 1 
ATOM 474 H HG23 . THR A 1 32 ? -13.268 13.726  5.336   1.00 6.06  ? 32 THR A HG23 1 
ATOM 475 N N    . LEU A 1 33 ? -10.995 13.501  10.234  1.00 5.97  ? 33 LEU A N    1 
ATOM 476 C CA   . LEU A 1 33 ? -11.490 14.034  11.498  1.00 6.85  ? 33 LEU A CA   1 
ATOM 477 C C    . LEU A 1 33 ? -12.884 13.497  11.810  1.00 7.51  ? 33 LEU A C    1 
ATOM 478 O O    . LEU A 1 33 ? -13.427 13.846  12.878  1.00 7.81  ? 33 LEU A O    1 
ATOM 479 C CB   . LEU A 1 33 ? -11.518 15.564  11.453  1.00 7.27  ? 33 LEU A CB   1 
ATOM 480 C CG   . LEU A 1 33 ? -10.303 16.215  10.789  1.00 7.87  ? 33 LEU A CG   1 
ATOM 481 C CD1  . LEU A 1 33 ? -10.394 17.731  10.879  1.00 8.08  ? 33 LEU A CD1  1 
ATOM 482 C CD2  . LEU A 1 33 ? -9.015  15.716  11.431  1.00 8.48  ? 33 LEU A CD2  1 
ATOM 483 O OXT  . LEU A 1 33 ? -13.421 12.734  10.979  1.00 7.98  ? 33 LEU A OXT  1 
ATOM 484 H H    . LEU A 1 33 ? -10.162 12.984  10.227  1.00 5.99  ? 33 LEU A H    1 
ATOM 485 H HA   . LEU A 1 33 ? -10.813 13.719  12.279  1.00 7.08  ? 33 LEU A HA   1 
ATOM 486 H HB2  . LEU A 1 33 ? -12.403 15.870  10.915  1.00 7.07  ? 33 LEU A HB2  1 
ATOM 487 H HB3  . LEU A 1 33 ? -11.587 15.933  12.465  1.00 7.69  ? 33 LEU A HB3  1 
ATOM 488 H HG   . LEU A 1 33 ? -10.283 15.944  9.744   1.00 8.04  ? 33 LEU A HG   1 
ATOM 489 H HD11 . LEU A 1 33 ? -11.356 18.056  10.515  1.00 8.27  ? 33 LEU A HD11 1 
ATOM 490 H HD12 . LEU A 1 33 ? -9.612  18.173  10.281  1.00 8.16  ? 33 LEU A HD12 1 
ATOM 491 H HD13 . LEU A 1 33 ? -10.274 18.037  11.908  1.00 8.27  ? 33 LEU A HD13 1 
ATOM 492 H HD21 . LEU A 1 33 ? -8.663  14.844  10.900  1.00 8.84  ? 33 LEU A HD21 1 
ATOM 493 H HD22 . LEU A 1 33 ? -9.204  15.459  12.461  1.00 8.47  ? 33 LEU A HD22 1 
ATOM 494 H HD23 . LEU A 1 33 ? -8.267  16.494  11.385  1.00 8.84  ? 33 LEU A HD23 1 
# 
